data_4UBF
#
_entry.id   4UBF
#
_cell.length_a   46.306
_cell.length_b   245.644
_cell.length_c   79.399
_cell.angle_alpha   90.00
_cell.angle_beta   95.84
_cell.angle_gamma   90.00
#
_symmetry.space_group_name_H-M   'P 1 21 1'
#
loop_
_entity.id
_entity.type
_entity.pdbx_description
1 polymer 'Kinesin-like protein KIF2C'
2 polymer 'Kinesin-like protein KIF2C'
3 non-polymer 'MAGNESIUM ION'
4 non-polymer "ADENOSINE-5'-DIPHOSPHATE"
5 water water
#
loop_
_entity_poly.entity_id
_entity_poly.type
_entity_poly.pdbx_seq_one_letter_code
_entity_poly.pdbx_strand_id
1 'polypeptide(L)'
;MGSSHHHHHHSSGLVPRGSSFPNWEFARMIKEFRATLECHPLTMTDPIEEHRICVCVRKRPLNKQELAKKEIDVISIPSK
CLLLVHEPKLKVDLTKYLENQAFCFDFAFDETASNEVVYRFTARPLVQTIFEGGKATCFAYGQTGSGKTHTMGGDLSGKA
QNASKGIYAMASRDVFLLKNQPCYRKLGLEVYVTFFEIYNGKLFDLLNKKAKLRVLEDGKQQVQVVGLQEHLVNSADDVI
KMIDMGSACRTSGQTFANSNSSRSHACFQIILRAKGRMHGKFSLVDLAGNERGADTSSADRQTRMEGAEINKSLLALKEC
IRALGQNKAHTPFRESKLTQVLRDSFIGENSRTCMIATISPGISSCEYTLNTLRYADRVKELSPHSG
;
A,B,C,D
2 'polypeptide(L)' QLEEQASRQISS P
#
# COMPACT_ATOMS: atom_id res chain seq x y z
N PRO A 22 -23.71 -6.75 -3.94
CA PRO A 22 -22.29 -6.81 -4.25
C PRO A 22 -21.39 -6.28 -3.14
N ASN A 23 -20.77 -7.18 -2.39
CA ASN A 23 -19.70 -6.82 -1.48
C ASN A 23 -18.53 -6.29 -2.30
N TRP A 24 -18.43 -6.81 -3.53
CA TRP A 24 -17.61 -6.24 -4.59
C TRP A 24 -16.10 -6.39 -4.43
N GLU A 25 -15.55 -5.90 -3.33
CA GLU A 25 -14.10 -5.89 -3.15
C GLU A 25 -13.49 -7.28 -3.11
N PHE A 26 -14.21 -8.23 -2.52
CA PHE A 26 -13.75 -9.61 -2.46
C PHE A 26 -13.74 -10.23 -3.85
N ALA A 27 -14.85 -10.05 -4.58
CA ALA A 27 -14.96 -10.57 -5.95
C ALA A 27 -13.91 -9.95 -6.85
N ARG A 28 -13.41 -8.78 -6.45
CA ARG A 28 -12.29 -8.18 -7.15
C ARG A 28 -11.02 -8.97 -6.84
N MET A 29 -10.82 -9.29 -5.57
CA MET A 29 -9.61 -9.98 -5.13
C MET A 29 -9.56 -11.45 -5.55
N ILE A 30 -10.72 -12.06 -5.74
CA ILE A 30 -10.74 -13.46 -6.18
C ILE A 30 -10.36 -13.54 -7.66
N LYS A 31 -10.77 -12.55 -8.44
CA LYS A 31 -10.54 -12.55 -9.89
C LYS A 31 -9.16 -12.04 -10.31
N GLU A 32 -8.49 -11.30 -9.44
CA GLU A 32 -7.11 -10.91 -9.72
C GLU A 32 -6.19 -12.02 -9.20
N PHE A 33 -6.79 -12.99 -8.53
CA PHE A 33 -6.09 -14.22 -8.21
C PHE A 33 -6.18 -15.16 -9.41
N ARG A 34 -7.40 -15.60 -9.70
CA ARG A 34 -7.65 -16.60 -10.74
C ARG A 34 -7.15 -16.21 -12.12
N ALA A 35 -6.94 -14.91 -12.32
CA ALA A 35 -6.38 -14.41 -13.56
C ALA A 35 -5.01 -15.04 -13.81
N THR A 36 -4.12 -14.91 -12.84
CA THR A 36 -2.75 -15.40 -12.94
C THR A 36 -2.65 -16.92 -12.79
N LEU A 37 -3.79 -17.61 -12.70
CA LEU A 37 -3.81 -19.03 -12.36
C LEU A 37 -4.26 -19.94 -13.51
N GLU A 38 -3.39 -20.86 -13.92
CA GLU A 38 -3.74 -21.89 -14.89
C GLU A 38 -4.17 -23.14 -14.15
N CYS A 39 -5.15 -23.86 -14.70
CA CYS A 39 -5.67 -25.06 -14.05
C CYS A 39 -5.73 -26.26 -14.99
N HIS A 40 -5.29 -27.41 -14.49
CA HIS A 40 -5.31 -28.65 -15.26
C HIS A 40 -6.25 -29.66 -14.61
N PRO A 41 -7.55 -29.58 -14.96
CA PRO A 41 -8.62 -30.36 -14.31
C PRO A 41 -8.49 -31.87 -14.45
N LEU A 42 -9.43 -32.62 -13.87
CA LEU A 42 -9.49 -34.07 -14.08
C LEU A 42 -10.35 -34.38 -15.29
N THR A 43 -9.94 -35.38 -16.04
CA THR A 43 -10.59 -35.74 -17.29
C THR A 43 -10.83 -37.24 -17.30
N MET A 44 -11.53 -37.71 -18.31
CA MET A 44 -11.75 -39.15 -18.47
C MET A 44 -10.47 -39.86 -18.89
N THR A 45 -9.51 -39.09 -19.38
CA THR A 45 -8.20 -39.61 -19.78
C THR A 45 -7.41 -40.15 -18.58
N ASP A 46 -7.84 -39.76 -17.39
CA ASP A 46 -7.14 -40.13 -16.16
C ASP A 46 -7.35 -41.59 -15.75
N PRO A 47 -6.34 -42.19 -15.09
CA PRO A 47 -6.42 -43.57 -14.60
C PRO A 47 -7.37 -43.68 -13.40
N ILE A 48 -7.96 -44.86 -13.20
CA ILE A 48 -8.82 -45.07 -12.04
C ILE A 48 -8.02 -45.64 -10.88
N GLU A 49 -7.75 -44.77 -9.90
CA GLU A 49 -6.94 -45.17 -8.75
C GLU A 49 -7.75 -46.07 -7.82
N GLU A 50 -7.05 -46.84 -7.00
CA GLU A 50 -7.71 -47.83 -6.14
C GLU A 50 -7.05 -47.91 -4.77
N HIS A 51 -7.57 -47.17 -3.80
CA HIS A 51 -6.93 -47.06 -2.49
C HIS A 51 -7.67 -47.75 -1.33
N ARG A 52 -7.02 -47.78 -0.16
CA ARG A 52 -7.63 -48.29 1.05
C ARG A 52 -8.84 -47.44 1.45
N ILE A 53 -8.58 -46.17 1.74
CA ILE A 53 -9.63 -45.21 2.03
C ILE A 53 -9.55 -44.00 1.09
N CYS A 54 -10.62 -43.76 0.34
CA CYS A 54 -10.67 -42.67 -0.64
C CYS A 54 -11.35 -41.41 -0.09
N VAL A 55 -10.63 -40.30 -0.08
CA VAL A 55 -11.21 -39.04 0.34
C VAL A 55 -11.29 -38.06 -0.83
N CYS A 56 -12.51 -37.86 -1.33
CA CYS A 56 -12.74 -36.91 -2.42
CA CYS A 56 -12.72 -36.89 -2.41
C CYS A 56 -13.54 -35.72 -1.92
N VAL A 57 -13.75 -34.75 -2.79
CA VAL A 57 -14.51 -33.56 -2.50
C VAL A 57 -15.18 -33.16 -3.80
N ARG A 58 -16.37 -32.58 -3.72
CA ARG A 58 -17.07 -32.17 -4.92
C ARG A 58 -17.76 -30.84 -4.70
N LYS A 59 -17.34 -29.84 -5.46
CA LYS A 59 -18.00 -28.55 -5.38
C LYS A 59 -19.17 -28.48 -6.35
N ARG A 60 -20.30 -27.99 -5.85
CA ARG A 60 -21.47 -27.83 -6.68
C ARG A 60 -21.40 -26.45 -7.29
N PRO A 61 -22.15 -26.23 -8.37
CA PRO A 61 -22.26 -24.90 -8.98
C PRO A 61 -23.22 -23.96 -8.24
N LEU A 62 -22.98 -22.66 -8.36
CA LEU A 62 -23.88 -21.66 -7.81
C LEU A 62 -25.22 -21.68 -8.54
N ASN A 63 -26.29 -21.99 -7.82
CA ASN A 63 -27.62 -22.01 -8.40
C ASN A 63 -28.12 -20.62 -8.77
N LYS A 64 -29.27 -20.55 -9.42
CA LYS A 64 -29.85 -19.27 -9.80
C LYS A 64 -30.12 -18.40 -8.57
N GLN A 65 -30.96 -18.91 -7.67
CA GLN A 65 -31.32 -18.20 -6.44
C GLN A 65 -30.08 -17.72 -5.71
N GLU A 66 -28.99 -18.47 -5.86
CA GLU A 66 -27.71 -18.12 -5.28
C GLU A 66 -27.01 -17.07 -6.11
N LEU A 67 -27.18 -17.14 -7.42
CA LEU A 67 -26.55 -16.17 -8.32
C LEU A 67 -27.33 -14.88 -8.28
N ALA A 68 -28.65 -14.99 -8.20
CA ALA A 68 -29.54 -13.83 -8.23
C ALA A 68 -29.29 -12.86 -7.07
N LYS A 69 -28.54 -13.32 -6.07
CA LYS A 69 -28.17 -12.50 -4.94
C LYS A 69 -26.76 -11.95 -5.10
N LYS A 70 -26.19 -12.17 -6.29
CA LYS A 70 -24.80 -11.82 -6.58
C LYS A 70 -23.85 -12.42 -5.55
N GLU A 71 -23.79 -13.73 -5.50
CA GLU A 71 -22.86 -14.40 -4.60
C GLU A 71 -21.58 -14.76 -5.35
N ILE A 72 -20.45 -14.34 -4.81
CA ILE A 72 -19.16 -14.65 -5.44
C ILE A 72 -18.89 -16.14 -5.30
N ASP A 73 -18.48 -16.78 -6.39
CA ASP A 73 -17.86 -18.09 -6.27
C ASP A 73 -16.59 -17.82 -5.46
N VAL A 74 -16.21 -18.77 -4.62
CA VAL A 74 -15.18 -18.51 -3.63
C VAL A 74 -14.18 -19.67 -3.57
N ILE A 75 -14.48 -20.74 -4.32
CA ILE A 75 -13.68 -21.97 -4.34
C ILE A 75 -13.18 -22.35 -5.73
N SER A 76 -11.88 -22.59 -5.87
CA SER A 76 -11.31 -23.01 -7.15
C SER A 76 -10.78 -24.44 -7.10
N ILE A 77 -10.62 -25.05 -8.28
CA ILE A 77 -10.05 -26.39 -8.37
C ILE A 77 -8.99 -26.42 -9.48
N PRO A 78 -7.77 -25.99 -9.14
CA PRO A 78 -6.65 -25.87 -10.08
C PRO A 78 -6.18 -27.19 -10.68
N SER A 79 -6.62 -28.32 -10.13
CA SER A 79 -6.25 -29.62 -10.66
C SER A 79 -7.20 -30.73 -10.20
N LYS A 80 -6.87 -31.96 -10.56
CA LYS A 80 -7.71 -33.12 -10.27
C LYS A 80 -7.84 -33.39 -8.77
N CYS A 81 -6.85 -32.95 -8.01
CA CYS A 81 -6.77 -33.28 -6.59
C CYS A 81 -6.74 -32.03 -5.72
N LEU A 82 -5.96 -31.06 -6.15
CA LEU A 82 -5.79 -29.83 -5.38
C LEU A 82 -7.09 -29.04 -5.35
N LEU A 83 -7.38 -28.42 -4.21
CA LEU A 83 -8.54 -27.58 -4.07
C LEU A 83 -8.12 -26.32 -3.32
N LEU A 84 -8.47 -25.17 -3.87
CA LEU A 84 -8.10 -23.90 -3.24
C LEU A 84 -9.37 -23.17 -2.82
N VAL A 85 -9.40 -22.73 -1.56
CA VAL A 85 -10.49 -21.86 -1.11
C VAL A 85 -9.90 -20.48 -0.77
N HIS A 86 -10.54 -19.44 -1.28
CA HIS A 86 -10.13 -18.08 -0.94
C HIS A 86 -11.15 -17.53 0.03
N GLU A 87 -10.81 -17.43 1.30
CA GLU A 87 -11.77 -16.99 2.30
C GLU A 87 -11.59 -15.51 2.67
N PRO A 88 -12.70 -14.76 2.70
CA PRO A 88 -12.69 -13.33 3.04
C PRO A 88 -12.42 -13.08 4.53
N LYS A 89 -11.28 -12.50 4.84
CA LYS A 89 -10.91 -12.19 6.22
C LYS A 89 -10.93 -10.67 6.44
N LEU A 90 -11.02 -10.25 7.70
CA LEU A 90 -11.04 -8.84 8.03
C LEU A 90 -10.02 -8.50 9.13
N LYS A 91 -9.29 -7.42 8.92
CA LYS A 91 -8.34 -6.92 9.93
C LYS A 91 -9.11 -6.25 11.05
N VAL A 92 -8.41 -5.60 11.98
CA VAL A 92 -9.05 -4.75 12.97
C VAL A 92 -9.23 -3.36 12.34
N ASP A 93 -8.43 -3.10 11.31
CA ASP A 93 -8.65 -1.98 10.41
C ASP A 93 -10.04 -2.12 9.80
N LEU A 94 -10.40 -3.39 9.55
CA LEU A 94 -11.51 -3.81 8.67
C LEU A 94 -11.02 -3.82 7.22
N THR A 95 -9.70 -3.83 7.06
CA THR A 95 -9.10 -4.06 5.75
C THR A 95 -9.59 -5.41 5.25
N LYS A 96 -10.25 -5.41 4.11
CA LYS A 96 -10.72 -6.65 3.51
C LYS A 96 -9.50 -7.45 3.08
N TYR A 97 -9.51 -8.75 3.38
CA TYR A 97 -8.39 -9.61 3.02
C TYR A 97 -8.86 -10.94 2.46
N LEU A 98 -7.91 -11.68 1.89
CA LEU A 98 -8.12 -13.07 1.54
C LEU A 98 -7.07 -13.91 2.25
N GLU A 99 -7.44 -15.13 2.62
CA GLU A 99 -6.46 -16.13 3.05
C GLU A 99 -6.68 -17.39 2.23
N ASN A 100 -5.73 -17.66 1.34
CA ASN A 100 -5.89 -18.76 0.39
C ASN A 100 -5.43 -20.11 0.95
N GLN A 101 -6.39 -20.91 1.40
CA GLN A 101 -6.10 -22.21 1.98
C GLN A 101 -6.17 -23.32 0.94
N ALA A 102 -5.16 -24.18 0.93
CA ALA A 102 -5.10 -25.29 -0.03
C ALA A 102 -5.41 -26.63 0.64
N PHE A 103 -6.05 -27.51 -0.11
CA PHE A 103 -6.42 -28.83 0.40
C PHE A 103 -6.17 -29.88 -0.68
N CYS A 104 -5.73 -31.08 -0.27
CA CYS A 104 -5.52 -32.16 -1.21
C CYS A 104 -6.44 -33.33 -0.94
N PHE A 105 -6.83 -34.01 -2.02
CA PHE A 105 -7.73 -35.15 -1.95
C PHE A 105 -7.41 -36.09 -3.08
N ASP A 106 -7.98 -37.29 -3.04
CA ASP A 106 -7.73 -38.25 -4.09
C ASP A 106 -8.26 -37.72 -5.41
N PHE A 107 -9.47 -37.21 -5.40
CA PHE A 107 -10.01 -36.64 -6.60
C PHE A 107 -10.90 -35.49 -6.28
N ALA A 108 -10.44 -34.27 -6.50
CA ALA A 108 -11.33 -33.15 -6.32
C ALA A 108 -11.91 -32.81 -7.66
N PHE A 109 -13.21 -32.57 -7.73
CA PHE A 109 -13.84 -32.23 -8.98
C PHE A 109 -14.92 -31.21 -8.80
N ASP A 110 -15.18 -30.40 -9.83
CA ASP A 110 -16.05 -29.24 -9.78
C ASP A 110 -17.36 -29.29 -10.51
N GLU A 111 -17.88 -28.10 -10.79
CA GLU A 111 -19.13 -27.94 -11.47
C GLU A 111 -19.23 -28.87 -12.64
N THR A 112 -18.23 -28.83 -13.52
CA THR A 112 -18.26 -29.58 -14.77
C THR A 112 -18.46 -31.07 -14.57
N ALA A 113 -18.00 -31.60 -13.44
CA ALA A 113 -18.06 -33.03 -13.17
C ALA A 113 -19.49 -33.53 -13.06
N SER A 114 -19.83 -34.49 -13.92
CA SER A 114 -21.13 -35.14 -13.89
C SER A 114 -21.14 -36.11 -12.71
N ASN A 115 -22.15 -36.98 -12.68
CA ASN A 115 -22.10 -38.15 -11.80
C ASN A 115 -21.32 -39.28 -12.44
N GLU A 116 -21.40 -39.38 -13.76
CA GLU A 116 -20.66 -40.35 -14.54
C GLU A 116 -19.17 -40.21 -14.26
N VAL A 117 -18.73 -38.96 -14.13
CA VAL A 117 -17.38 -38.66 -13.68
C VAL A 117 -17.22 -39.13 -12.24
N VAL A 118 -18.16 -38.74 -11.40
CA VAL A 118 -18.10 -38.98 -9.96
C VAL A 118 -18.14 -40.47 -9.58
N TYR A 119 -19.01 -41.23 -10.24
CA TYR A 119 -19.10 -42.66 -9.97
C TYR A 119 -17.82 -43.38 -10.36
N ARG A 120 -17.25 -42.98 -11.49
CA ARG A 120 -16.08 -43.66 -12.04
C ARG A 120 -14.83 -43.57 -11.15
N PHE A 121 -14.74 -42.51 -10.34
CA PHE A 121 -13.54 -42.29 -9.54
C PHE A 121 -13.71 -42.62 -8.05
N THR A 122 -14.94 -42.84 -7.61
CA THR A 122 -15.20 -43.14 -6.22
C THR A 122 -15.80 -44.53 -6.01
N ALA A 123 -17.04 -44.70 -6.48
CA ALA A 123 -17.77 -45.95 -6.25
C ALA A 123 -17.41 -47.06 -7.24
N ARG A 124 -17.11 -46.68 -8.48
CA ARG A 124 -16.77 -47.64 -9.53
C ARG A 124 -15.69 -48.68 -9.18
N PRO A 125 -14.61 -48.27 -8.50
CA PRO A 125 -13.66 -49.33 -8.14
C PRO A 125 -14.22 -50.31 -7.10
N LEU A 126 -15.21 -49.86 -6.33
CA LEU A 126 -15.73 -50.63 -5.20
C LEU A 126 -16.68 -51.76 -5.56
N VAL A 127 -17.36 -51.66 -6.71
CA VAL A 127 -18.28 -52.71 -7.13
C VAL A 127 -17.54 -54.04 -7.26
N GLN A 128 -16.32 -53.97 -7.80
CA GLN A 128 -15.46 -55.14 -7.95
C GLN A 128 -15.06 -55.68 -6.58
N THR A 129 -14.99 -54.80 -5.58
CA THR A 129 -14.59 -55.17 -4.23
C THR A 129 -15.56 -56.13 -3.56
N ILE A 130 -16.86 -55.88 -3.69
CA ILE A 130 -17.85 -56.73 -3.03
C ILE A 130 -17.99 -58.11 -3.68
N PHE A 131 -17.69 -58.19 -4.98
CA PHE A 131 -17.73 -59.46 -5.70
C PHE A 131 -16.52 -60.32 -5.35
N GLU A 132 -15.59 -59.73 -4.60
CA GLU A 132 -14.38 -60.43 -4.19
C GLU A 132 -14.67 -61.25 -2.92
N GLY A 133 -15.29 -60.62 -1.94
CA GLY A 133 -15.62 -61.29 -0.70
C GLY A 133 -15.45 -60.30 0.45
N GLY A 134 -15.02 -59.09 0.09
CA GLY A 134 -14.77 -58.03 1.05
C GLY A 134 -15.98 -57.14 1.03
N LYS A 135 -15.94 -56.01 1.72
CA LYS A 135 -17.17 -55.24 1.83
C LYS A 135 -16.91 -53.74 1.95
N ALA A 136 -17.70 -52.98 1.19
CA ALA A 136 -17.35 -51.62 0.80
C ALA A 136 -18.49 -50.68 1.19
N THR A 137 -18.13 -49.46 1.54
CA THR A 137 -19.12 -48.48 1.95
C THR A 137 -18.75 -47.09 1.43
N CYS A 138 -19.76 -46.30 1.05
CA CYS A 138 -19.53 -44.96 0.53
C CYS A 138 -20.41 -43.90 1.20
N PHE A 139 -19.78 -42.82 1.64
CA PHE A 139 -20.51 -41.73 2.29
C PHE A 139 -20.34 -40.40 1.54
N ALA A 140 -21.44 -39.68 1.35
CA ALA A 140 -21.38 -38.28 0.95
C ALA A 140 -21.72 -37.45 2.17
N TYR A 141 -20.82 -36.54 2.53
CA TYR A 141 -20.93 -35.81 3.79
C TYR A 141 -20.74 -34.32 3.58
N GLY A 142 -21.53 -33.51 4.27
CA GLY A 142 -21.35 -32.07 4.18
C GLY A 142 -22.48 -31.24 4.76
N GLN A 143 -22.60 -30.02 4.22
CA GLN A 143 -23.57 -29.02 4.65
C GLN A 143 -24.91 -29.24 3.92
N THR A 144 -25.98 -28.69 4.47
CA THR A 144 -27.31 -28.82 3.87
C THR A 144 -27.41 -28.01 2.59
N GLY A 145 -27.80 -28.68 1.50
CA GLY A 145 -27.94 -28.02 0.21
C GLY A 145 -26.65 -28.01 -0.57
N SER A 146 -25.67 -28.77 -0.10
CA SER A 146 -24.38 -28.84 -0.78
C SER A 146 -24.47 -29.69 -2.04
N GLY A 147 -24.83 -30.96 -1.88
CA GLY A 147 -24.95 -31.86 -3.02
C GLY A 147 -24.83 -33.32 -2.60
N LYS A 148 -25.26 -33.62 -1.38
CA LYS A 148 -25.20 -34.98 -0.87
C LYS A 148 -26.29 -35.85 -1.48
N THR A 149 -27.55 -35.50 -1.21
CA THR A 149 -28.68 -36.26 -1.74
C THR A 149 -28.57 -36.41 -3.25
N HIS A 150 -28.23 -35.34 -3.95
CA HIS A 150 -28.12 -35.38 -5.40
C HIS A 150 -27.02 -36.32 -5.88
N THR A 151 -25.89 -36.31 -5.17
CA THR A 151 -24.77 -37.16 -5.53
C THR A 151 -25.13 -38.63 -5.45
N MET A 152 -25.78 -39.01 -4.35
CA MET A 152 -26.11 -40.41 -4.11
C MET A 152 -27.49 -40.76 -4.66
N GLY A 153 -28.35 -39.77 -4.84
CA GLY A 153 -29.70 -40.00 -5.34
C GLY A 153 -29.93 -39.42 -6.71
N LYS A 165 -29.21 -42.21 -12.63
CA LYS A 165 -29.74 -41.31 -11.60
C LYS A 165 -28.64 -40.85 -10.64
N GLY A 166 -28.49 -41.60 -9.54
CA GLY A 166 -27.45 -41.32 -8.56
C GLY A 166 -26.52 -42.50 -8.41
N ILE A 167 -25.56 -42.39 -7.50
CA ILE A 167 -24.55 -43.44 -7.31
C ILE A 167 -25.16 -44.81 -6.97
N TYR A 168 -26.30 -44.81 -6.29
CA TYR A 168 -27.01 -46.05 -5.98
C TYR A 168 -27.26 -46.83 -7.27
N ALA A 169 -27.94 -46.17 -8.20
CA ALA A 169 -28.35 -46.79 -9.45
C ALA A 169 -27.17 -47.08 -10.38
N MET A 170 -26.18 -46.20 -10.35
CA MET A 170 -25.02 -46.33 -11.23
C MET A 170 -24.20 -47.57 -10.91
N ALA A 171 -24.10 -47.90 -9.63
CA ALA A 171 -23.44 -49.13 -9.22
C ALA A 171 -24.26 -50.32 -9.71
N SER A 172 -25.58 -50.22 -9.56
CA SER A 172 -26.53 -51.31 -9.81
C SER A 172 -26.31 -52.06 -11.13
N ARG A 173 -26.41 -51.37 -12.26
CA ARG A 173 -26.23 -52.05 -13.53
C ARG A 173 -24.80 -52.54 -13.71
N ASP A 174 -23.83 -51.78 -13.22
CA ASP A 174 -22.44 -52.23 -13.23
C ASP A 174 -22.25 -53.36 -12.22
N VAL A 175 -23.06 -53.35 -11.16
CA VAL A 175 -23.16 -54.51 -10.27
C VAL A 175 -23.80 -55.65 -11.06
N PHE A 176 -24.80 -55.30 -11.86
CA PHE A 176 -25.54 -56.29 -12.64
C PHE A 176 -24.90 -56.66 -13.98
N LEU A 177 -23.95 -55.85 -14.42
CA LEU A 177 -23.22 -56.12 -15.66
C LEU A 177 -22.20 -57.25 -15.49
N LEU A 178 -21.71 -57.41 -14.27
CA LEU A 178 -20.66 -58.38 -13.97
C LEU A 178 -21.17 -59.82 -13.85
N LYS A 179 -21.10 -60.56 -14.95
CA LYS A 179 -21.40 -62.00 -14.95
C LYS A 179 -20.48 -62.72 -15.92
N GLY A 188 -23.37 -68.62 -10.25
CA GLY A 188 -24.75 -68.41 -9.88
C GLY A 188 -24.90 -67.68 -8.55
N LEU A 189 -25.42 -66.47 -8.59
CA LEU A 189 -25.61 -65.68 -7.39
C LEU A 189 -26.80 -64.73 -7.54
N GLU A 190 -27.41 -64.37 -6.41
CA GLU A 190 -28.56 -63.48 -6.41
C GLU A 190 -28.22 -62.17 -5.69
N VAL A 191 -29.01 -61.13 -5.94
CA VAL A 191 -28.74 -59.83 -5.34
C VAL A 191 -29.90 -59.19 -4.58
N TYR A 192 -29.59 -58.59 -3.43
CA TYR A 192 -30.62 -58.07 -2.53
C TYR A 192 -30.42 -56.59 -2.25
N VAL A 193 -31.52 -55.87 -2.02
CA VAL A 193 -31.50 -54.42 -1.93
C VAL A 193 -32.09 -53.90 -0.62
N THR A 194 -31.36 -53.02 0.06
CA THR A 194 -31.83 -52.44 1.32
C THR A 194 -31.80 -50.92 1.25
N PHE A 195 -32.77 -50.29 1.89
CA PHE A 195 -32.86 -48.84 1.92
C PHE A 195 -33.50 -48.47 3.25
N PHE A 196 -32.88 -47.56 3.99
CA PHE A 196 -33.40 -47.17 5.30
C PHE A 196 -32.77 -45.87 5.79
N GLU A 197 -33.44 -45.20 6.73
CA GLU A 197 -32.93 -43.95 7.27
C GLU A 197 -32.72 -44.04 8.78
N ILE A 198 -31.82 -43.21 9.30
CA ILE A 198 -31.55 -43.18 10.73
C ILE A 198 -31.75 -41.79 11.31
N TYR A 199 -32.73 -41.67 12.20
CA TYR A 199 -33.00 -40.41 12.89
C TYR A 199 -33.18 -40.69 14.37
N ASN A 200 -32.67 -39.79 15.21
CA ASN A 200 -32.88 -39.89 16.66
C ASN A 200 -32.66 -41.30 17.16
N GLY A 201 -31.63 -41.94 16.62
CA GLY A 201 -31.30 -43.31 16.97
C GLY A 201 -32.25 -44.41 16.58
N LYS A 202 -33.44 -43.96 16.22
CA LYS A 202 -34.45 -44.82 15.64
C LYS A 202 -33.88 -45.26 14.28
N LEU A 203 -34.59 -46.19 13.64
CA LEU A 203 -34.17 -46.67 12.33
C LEU A 203 -35.39 -47.05 11.49
N PHE A 204 -35.58 -46.36 10.38
CA PHE A 204 -36.71 -46.62 9.49
C PHE A 204 -36.25 -47.26 8.19
N ASP A 205 -37.17 -47.99 7.61
CA ASP A 205 -36.97 -48.66 6.40
C ASP A 205 -38.03 -47.95 5.68
N LEU A 206 -37.69 -47.43 4.52
CA LEU A 206 -38.62 -46.67 3.74
C LEU A 206 -39.39 -47.64 2.87
N LEU A 207 -38.74 -48.76 2.55
CA LEU A 207 -39.35 -49.81 1.77
C LEU A 207 -40.72 -50.24 2.25
N ASN A 208 -40.87 -50.53 3.53
CA ASN A 208 -42.19 -50.59 4.12
C ASN A 208 -42.47 -49.18 4.56
N LYS A 209 -43.70 -48.71 4.33
CA LYS A 209 -44.07 -47.34 4.70
C LYS A 209 -43.84 -47.11 6.18
N LYS A 210 -42.79 -46.35 6.51
CA LYS A 210 -42.46 -46.06 7.90
C LYS A 210 -42.51 -47.32 8.75
N ALA A 211 -41.53 -48.19 8.59
CA ALA A 211 -41.46 -49.43 9.34
C ALA A 211 -40.30 -49.43 10.33
N LYS A 212 -40.57 -48.97 11.55
CA LYS A 212 -39.56 -48.91 12.58
C LYS A 212 -38.84 -50.23 12.83
N LEU A 213 -37.56 -50.15 13.19
CA LEU A 213 -36.75 -51.34 13.42
C LEU A 213 -35.88 -51.21 14.66
N ARG A 214 -35.31 -52.33 15.12
CA ARG A 214 -34.42 -52.33 16.28
C ARG A 214 -33.06 -52.95 15.96
N VAL A 215 -32.04 -52.51 16.68
CA VAL A 215 -30.67 -52.94 16.43
C VAL A 215 -30.10 -53.64 17.67
N LEU A 216 -29.38 -54.74 17.49
CA LEU A 216 -28.99 -55.57 18.63
C LEU A 216 -27.65 -56.30 18.50
N GLU A 217 -27.19 -56.82 19.65
CA GLU A 217 -25.98 -57.62 19.73
C GLU A 217 -26.33 -59.09 19.93
N VAL A 223 -23.60 -58.04 15.61
CA VAL A 223 -24.53 -56.99 15.18
C VAL A 223 -25.59 -57.47 14.19
N GLN A 224 -26.84 -57.14 14.47
CA GLN A 224 -27.94 -57.68 13.70
C GLN A 224 -29.21 -56.83 13.79
N VAL A 225 -29.67 -56.36 12.62
CA VAL A 225 -30.93 -55.63 12.54
C VAL A 225 -31.97 -56.51 11.87
N VAL A 226 -32.92 -57.00 12.68
CA VAL A 226 -33.95 -57.91 12.18
C VAL A 226 -35.18 -57.14 11.75
N GLY A 227 -35.77 -57.56 10.64
CA GLY A 227 -36.75 -56.75 9.97
C GLY A 227 -36.01 -56.08 8.84
N LEU A 228 -34.80 -56.57 8.59
CA LEU A 228 -33.99 -56.11 7.48
C LEU A 228 -34.72 -56.39 6.18
N GLN A 229 -35.20 -55.35 5.53
CA GLN A 229 -35.92 -55.49 4.27
C GLN A 229 -34.94 -55.66 3.11
N GLU A 230 -34.80 -56.89 2.65
CA GLU A 230 -33.89 -57.18 1.55
C GLU A 230 -34.66 -57.75 0.37
N HIS A 231 -35.01 -56.88 -0.57
CA HIS A 231 -35.76 -57.31 -1.76
C HIS A 231 -34.82 -57.84 -2.84
N LEU A 232 -35.19 -58.98 -3.42
CA LEU A 232 -34.39 -59.60 -4.47
C LEU A 232 -34.63 -58.92 -5.82
N VAL A 233 -33.55 -58.62 -6.52
CA VAL A 233 -33.64 -57.98 -7.83
C VAL A 233 -32.95 -58.81 -8.91
N ASN A 234 -33.46 -58.72 -10.13
CA ASN A 234 -32.89 -59.46 -11.24
C ASN A 234 -32.12 -58.55 -12.21
N SER A 235 -32.14 -57.25 -11.93
CA SER A 235 -31.46 -56.28 -12.77
C SER A 235 -31.78 -54.85 -12.33
N ALA A 236 -31.07 -53.88 -12.91
CA ALA A 236 -31.29 -52.48 -12.59
C ALA A 236 -32.77 -52.14 -12.56
N ASP A 237 -33.54 -52.77 -13.44
CA ASP A 237 -34.97 -52.53 -13.52
C ASP A 237 -35.63 -52.56 -12.15
N ASP A 238 -35.45 -53.68 -11.44
CA ASP A 238 -36.04 -53.85 -10.12
C ASP A 238 -35.45 -52.87 -9.11
N VAL A 239 -34.13 -52.68 -9.16
CA VAL A 239 -33.44 -51.82 -8.21
C VAL A 239 -33.87 -50.36 -8.33
N ILE A 240 -33.89 -49.84 -9.55
CA ILE A 240 -34.32 -48.46 -9.80
C ILE A 240 -35.67 -48.19 -9.15
N LYS A 241 -36.57 -49.17 -9.23
CA LYS A 241 -37.88 -49.06 -8.59
C LYS A 241 -37.79 -49.04 -7.07
N MET A 242 -36.71 -49.60 -6.52
CA MET A 242 -36.54 -49.63 -5.07
C MET A 242 -36.05 -48.31 -4.50
N ILE A 243 -35.24 -47.59 -5.28
CA ILE A 243 -34.68 -46.32 -4.82
C ILE A 243 -35.75 -45.22 -4.71
N ASP A 244 -36.42 -44.94 -5.82
CA ASP A 244 -37.42 -43.89 -5.86
C ASP A 244 -38.58 -44.13 -4.90
N MET A 245 -38.98 -45.39 -4.76
CA MET A 245 -40.01 -45.77 -3.80
C MET A 245 -39.53 -45.49 -2.39
N GLY A 246 -38.27 -45.80 -2.13
CA GLY A 246 -37.67 -45.54 -0.83
C GLY A 246 -37.49 -44.05 -0.61
N SER A 247 -37.22 -43.33 -1.69
CA SER A 247 -36.97 -41.89 -1.62
C SER A 247 -38.26 -41.09 -1.51
N ALA A 248 -39.31 -41.59 -2.16
CA ALA A 248 -40.61 -40.91 -2.20
C ALA A 248 -41.18 -40.58 -0.83
N CYS A 249 -40.83 -41.39 0.19
CA CYS A 249 -41.38 -41.20 1.53
CA CYS A 249 -41.34 -41.24 1.61
C CYS A 249 -41.50 -39.55 1.61
N ARG A 250 -42.58 -39.29 2.32
CA ARG A 250 -42.81 -37.96 2.85
C ARG A 250 -41.59 -37.43 3.62
N ARG A 263 -31.27 -33.65 8.17
CA ARG A 263 -31.62 -33.94 9.54
C ARG A 263 -31.73 -35.46 9.71
N SER A 264 -31.12 -36.20 8.79
CA SER A 264 -31.20 -37.65 8.82
C SER A 264 -30.13 -38.32 7.96
N HIS A 265 -29.63 -39.45 8.44
CA HIS A 265 -28.78 -40.31 7.63
C HIS A 265 -29.68 -41.15 6.75
N ALA A 266 -29.18 -41.57 5.60
CA ALA A 266 -29.94 -42.42 4.69
C ALA A 266 -29.02 -43.43 4.04
N CYS A 267 -29.32 -44.72 4.21
CA CYS A 267 -28.42 -45.76 3.73
C CYS A 267 -29.06 -46.69 2.70
N PHE A 268 -28.31 -46.98 1.64
CA PHE A 268 -28.72 -47.91 0.61
C PHE A 268 -27.72 -49.04 0.53
N GLN A 269 -28.20 -50.27 0.44
CA GLN A 269 -27.30 -51.42 0.47
C GLN A 269 -27.46 -52.38 -0.70
N ILE A 270 -26.33 -52.82 -1.23
CA ILE A 270 -26.27 -53.90 -2.21
C ILE A 270 -25.68 -55.12 -1.49
N ILE A 271 -26.33 -56.27 -1.64
CA ILE A 271 -25.92 -57.47 -0.91
C ILE A 271 -25.86 -58.71 -1.81
N LEU A 272 -24.89 -59.59 -1.54
CA LEU A 272 -24.71 -60.81 -2.33
C LEU A 272 -24.76 -62.06 -1.46
N ARG A 273 -25.45 -63.09 -1.95
CA ARG A 273 -25.52 -64.37 -1.26
C ARG A 273 -25.41 -65.54 -2.25
N ALA A 274 -24.70 -66.60 -1.86
CA ALA A 274 -24.52 -67.76 -2.72
C ALA A 274 -25.32 -68.96 -2.25
N LYS A 275 -24.94 -69.50 -1.09
CA LYS A 275 -25.67 -70.59 -0.46
C LYS A 275 -26.85 -70.01 0.31
N GLY A 276 -26.95 -68.69 0.28
CA GLY A 276 -27.84 -67.95 1.15
C GLY A 276 -26.96 -67.32 2.21
N ARG A 277 -25.67 -67.30 1.92
CA ARG A 277 -24.66 -66.75 2.82
C ARG A 277 -24.03 -65.51 2.19
N MET A 278 -23.96 -64.44 2.98
CA MET A 278 -23.41 -63.16 2.54
C MET A 278 -22.05 -63.29 1.85
N HIS A 279 -21.87 -62.53 0.77
CA HIS A 279 -20.60 -62.49 0.08
C HIS A 279 -20.00 -61.09 0.11
N GLY A 280 -20.72 -60.14 -0.46
CA GLY A 280 -20.26 -58.76 -0.48
C GLY A 280 -21.34 -57.79 -0.07
N LYS A 281 -20.97 -56.77 0.70
CA LYS A 281 -21.93 -55.74 1.08
C LYS A 281 -21.46 -54.35 0.66
N PHE A 282 -22.30 -53.66 -0.11
CA PHE A 282 -22.01 -52.31 -0.53
C PHE A 282 -23.00 -51.40 0.16
N SER A 283 -22.50 -50.48 0.98
CA SER A 283 -23.38 -49.57 1.71
C SER A 283 -23.13 -48.11 1.31
N LEU A 284 -24.14 -47.49 0.73
CA LEU A 284 -24.03 -46.11 0.28
C LEU A 284 -24.87 -45.18 1.15
N VAL A 285 -24.19 -44.35 1.94
CA VAL A 285 -24.85 -43.50 2.91
C VAL A 285 -24.86 -42.03 2.51
N ASP A 286 -26.01 -41.39 2.73
CA ASP A 286 -26.17 -39.95 2.53
C ASP A 286 -26.40 -39.32 3.90
N LEU A 287 -25.34 -38.75 4.46
CA LEU A 287 -25.35 -38.25 5.83
C LEU A 287 -26.14 -36.95 5.99
N ALA A 288 -26.33 -36.54 7.24
CA ALA A 288 -27.05 -35.32 7.54
C ALA A 288 -26.13 -34.10 7.42
N GLY A 289 -26.69 -32.91 7.58
CA GLY A 289 -25.92 -31.68 7.49
C GLY A 289 -25.03 -31.46 8.69
N ASN A 290 -23.75 -31.21 8.44
CA ASN A 290 -22.76 -31.09 9.51
C ASN A 290 -22.87 -29.81 10.35
N GLU A 291 -23.88 -29.00 10.08
CA GLU A 291 -24.06 -27.75 10.80
C GLU A 291 -24.81 -27.97 12.11
N GLY A 307 -31.02 -31.75 20.30
CA GLY A 307 -31.15 -31.79 18.85
C GLY A 307 -29.81 -31.92 18.15
N ALA A 308 -28.77 -31.37 18.76
CA ALA A 308 -27.44 -31.35 18.14
C ALA A 308 -26.73 -32.70 18.18
N GLU A 309 -27.49 -33.77 18.42
CA GLU A 309 -26.93 -35.11 18.53
C GLU A 309 -26.31 -35.68 17.25
N ILE A 310 -26.60 -35.04 16.11
CA ILE A 310 -26.03 -35.45 14.83
C ILE A 310 -24.51 -35.24 14.81
N ASN A 311 -24.07 -34.25 15.57
CA ASN A 311 -22.67 -33.88 15.66
C ASN A 311 -21.85 -35.10 16.06
N LYS A 312 -22.40 -35.92 16.95
CA LYS A 312 -21.69 -37.07 17.49
C LYS A 312 -21.49 -38.19 16.47
N SER A 313 -22.56 -38.52 15.75
CA SER A 313 -22.55 -39.63 14.78
C SER A 313 -21.46 -39.45 13.73
N LEU A 314 -21.43 -38.27 13.11
CA LEU A 314 -20.43 -37.95 12.11
C LEU A 314 -19.02 -37.94 12.70
N LEU A 315 -18.93 -37.53 13.97
CA LEU A 315 -17.66 -37.46 14.66
C LEU A 315 -17.10 -38.87 14.86
N ALA A 316 -17.99 -39.81 15.14
CA ALA A 316 -17.62 -41.22 15.31
C ALA A 316 -17.11 -41.80 14.00
N LEU A 317 -17.73 -41.39 12.89
CA LEU A 317 -17.38 -41.86 11.55
C LEU A 317 -15.89 -41.71 11.29
N LYS A 318 -15.36 -40.53 11.63
CA LYS A 318 -13.96 -40.24 11.47
C LYS A 318 -13.09 -41.26 12.18
N GLU A 319 -13.50 -41.63 13.40
CA GLU A 319 -12.78 -42.62 14.19
C GLU A 319 -12.95 -44.02 13.63
N CYS A 320 -14.15 -44.30 13.15
CA CYS A 320 -14.46 -45.60 12.57
C CYS A 320 -13.66 -45.84 11.29
N ILE A 321 -13.65 -44.84 10.41
CA ILE A 321 -12.84 -44.89 9.20
C ILE A 321 -11.34 -44.98 9.49
N ARG A 322 -10.89 -44.21 10.48
CA ARG A 322 -9.48 -44.13 10.84
C ARG A 322 -8.87 -45.47 11.21
N ALA A 323 -9.66 -46.32 11.83
CA ALA A 323 -9.19 -47.63 12.29
C ALA A 323 -9.09 -48.62 11.14
N LEU A 324 -9.25 -48.13 9.92
CA LEU A 324 -9.23 -48.98 8.74
C LEU A 324 -7.91 -48.81 7.96
N GLY A 325 -7.13 -47.80 8.33
CA GLY A 325 -5.80 -47.62 7.80
C GLY A 325 -4.79 -48.08 8.83
N GLN A 326 -5.31 -48.44 10.00
CA GLN A 326 -4.50 -49.08 11.03
C GLN A 326 -4.79 -50.57 10.98
N ASN A 327 -5.57 -50.98 9.98
CA ASN A 327 -5.92 -52.40 9.80
CA ASN A 327 -5.96 -52.39 9.80
C ASN A 327 -6.44 -52.99 11.12
N LYS A 328 -7.00 -52.13 11.95
CA LYS A 328 -7.32 -52.40 13.35
C LYS A 328 -8.47 -53.36 13.62
N ALA A 329 -8.32 -54.16 14.67
CA ALA A 329 -9.32 -55.13 15.08
C ALA A 329 -10.45 -54.46 15.85
N HIS A 330 -10.13 -53.41 16.60
CA HIS A 330 -11.09 -52.78 17.50
C HIS A 330 -11.58 -51.41 17.01
N THR A 331 -12.89 -51.19 17.12
CA THR A 331 -13.55 -49.93 16.77
C THR A 331 -14.57 -49.54 17.87
N PRO A 332 -14.91 -48.26 17.94
CA PRO A 332 -15.88 -47.78 18.95
C PRO A 332 -17.29 -47.71 18.38
N PHE A 333 -18.28 -47.97 19.23
CA PHE A 333 -19.68 -47.92 18.82
C PHE A 333 -20.59 -47.49 19.96
N ARG A 334 -21.87 -47.85 19.86
CA ARG A 334 -22.84 -47.51 20.89
C ARG A 334 -23.15 -46.02 20.87
N GLU A 335 -22.12 -45.20 20.99
CA GLU A 335 -22.27 -43.75 20.98
C GLU A 335 -22.74 -43.25 19.61
N SER A 336 -23.01 -44.19 18.72
CA SER A 336 -23.45 -43.84 17.37
C SER A 336 -24.35 -44.93 16.79
N LYS A 337 -25.61 -44.59 16.54
CA LYS A 337 -26.56 -45.54 15.99
C LYS A 337 -26.21 -45.91 14.55
N LEU A 338 -25.81 -44.92 13.77
CA LEU A 338 -25.44 -45.14 12.38
C LEU A 338 -24.42 -46.28 12.26
N THR A 339 -23.28 -46.13 12.92
CA THR A 339 -22.23 -47.13 12.89
C THR A 339 -22.67 -48.58 13.10
N GLN A 340 -23.36 -48.83 14.21
CA GLN A 340 -23.81 -50.16 14.65
C GLN A 340 -24.19 -51.13 13.52
N VAL A 341 -25.01 -50.66 12.60
CA VAL A 341 -25.53 -51.48 11.51
C VAL A 341 -24.56 -51.47 10.32
N LEU A 342 -23.75 -50.42 10.22
CA LEU A 342 -22.68 -50.39 9.24
C LEU A 342 -21.40 -50.96 9.81
N ARG A 343 -21.48 -51.95 10.70
CA ARG A 343 -20.28 -52.15 11.51
C ARG A 343 -19.30 -53.27 11.22
N ASP A 344 -19.79 -54.38 10.70
CA ASP A 344 -18.97 -55.23 9.87
C ASP A 344 -18.07 -54.40 8.93
N SER A 345 -18.50 -53.20 8.53
CA SER A 345 -17.89 -52.50 7.42
C SER A 345 -16.52 -51.89 7.72
N PHE A 346 -16.05 -51.93 8.95
CA PHE A 346 -14.81 -51.22 9.24
C PHE A 346 -13.65 -52.12 9.75
N ILE A 347 -13.70 -53.35 9.21
CA ILE A 347 -12.79 -54.42 9.59
C ILE A 347 -12.66 -55.50 8.50
N GLY A 348 -11.55 -56.23 8.53
CA GLY A 348 -11.26 -57.23 7.53
C GLY A 348 -10.03 -56.79 6.76
N GLU A 349 -9.39 -57.74 6.09
CA GLU A 349 -8.23 -57.44 5.27
C GLU A 349 -8.68 -57.06 3.87
N ASN A 350 -9.94 -56.63 3.75
CA ASN A 350 -10.54 -56.39 2.45
C ASN A 350 -11.70 -55.41 2.53
N SER A 351 -11.55 -54.38 3.37
CA SER A 351 -12.60 -53.39 3.52
C SER A 351 -12.17 -52.01 3.03
N ARG A 352 -12.76 -51.58 1.92
CA ARG A 352 -12.47 -50.28 1.32
C ARG A 352 -13.62 -49.29 1.48
N THR A 353 -13.30 -47.99 1.52
CA THR A 353 -14.29 -46.94 1.74
C THR A 353 -13.94 -45.65 1.00
N CYS A 354 -14.95 -44.96 0.49
CA CYS A 354 -14.74 -43.62 -0.05
C CYS A 354 -15.61 -42.58 0.68
N MET A 355 -15.11 -41.35 0.73
CA MET A 355 -15.80 -40.26 1.41
C MET A 355 -15.94 -39.07 0.48
N ILE A 356 -17.16 -38.58 0.32
CA ILE A 356 -17.42 -37.44 -0.55
C ILE A 356 -17.86 -36.21 0.24
N ALA A 357 -16.94 -35.27 0.42
CA ALA A 357 -17.25 -34.03 1.12
C ALA A 357 -17.67 -32.95 0.14
N THR A 358 -18.98 -32.78 -0.04
CA THR A 358 -19.51 -31.80 -0.99
C THR A 358 -19.68 -30.43 -0.36
N ILE A 359 -19.36 -29.38 -1.12
CA ILE A 359 -19.41 -28.02 -0.58
C ILE A 359 -20.16 -26.96 -1.40
N SER A 360 -20.62 -25.93 -0.70
CA SER A 360 -21.30 -24.79 -1.33
C SER A 360 -20.37 -23.59 -1.53
N PRO A 361 -20.03 -23.29 -2.78
CA PRO A 361 -19.04 -22.26 -3.12
C PRO A 361 -19.56 -20.85 -2.87
N GLY A 362 -20.78 -20.74 -2.36
CA GLY A 362 -21.36 -19.45 -2.06
C GLY A 362 -20.64 -18.78 -0.90
N ILE A 363 -19.84 -17.76 -1.22
CA ILE A 363 -18.99 -17.06 -0.26
C ILE A 363 -19.58 -16.89 1.15
N SER A 364 -20.88 -16.62 1.24
CA SER A 364 -21.51 -16.44 2.54
C SER A 364 -21.99 -17.76 3.13
N SER A 365 -21.37 -18.85 2.70
CA SER A 365 -21.49 -20.14 3.35
C SER A 365 -20.12 -20.80 3.26
N CYS A 366 -19.12 -20.11 3.79
CA CYS A 366 -17.73 -20.52 3.69
C CYS A 366 -17.28 -21.23 4.95
N GLU A 367 -17.71 -20.72 6.10
CA GLU A 367 -17.40 -21.35 7.39
C GLU A 367 -17.89 -22.79 7.42
N TYR A 368 -19.13 -22.99 6.97
CA TYR A 368 -19.69 -24.33 6.86
C TYR A 368 -18.86 -25.16 5.88
N THR A 369 -18.36 -24.52 4.84
CA THR A 369 -17.59 -25.18 3.80
C THR A 369 -16.21 -25.63 4.29
N LEU A 370 -15.53 -24.75 5.03
CA LEU A 370 -14.24 -25.10 5.61
C LEU A 370 -14.37 -26.25 6.61
N ASN A 371 -15.35 -26.13 7.51
CA ASN A 371 -15.65 -27.18 8.47
C ASN A 371 -15.89 -28.52 7.78
N THR A 372 -16.47 -28.45 6.58
CA THR A 372 -16.77 -29.64 5.79
C THR A 372 -15.49 -30.31 5.27
N LEU A 373 -14.42 -29.53 5.18
CA LEU A 373 -13.15 -30.02 4.63
C LEU A 373 -12.15 -30.39 5.72
N ARG A 374 -12.00 -29.54 6.73
CA ARG A 374 -11.12 -29.84 7.86
C ARG A 374 -11.51 -31.15 8.54
N TYR A 375 -12.76 -31.55 8.34
CA TYR A 375 -13.21 -32.88 8.69
C TYR A 375 -12.58 -33.92 7.77
N ALA A 376 -12.38 -33.60 6.51
CA ALA A 376 -12.05 -34.64 5.57
C ALA A 376 -10.61 -34.84 5.27
N ASP A 377 -9.79 -33.85 5.59
CA ASP A 377 -8.38 -34.04 5.36
C ASP A 377 -7.71 -34.63 6.54
N ARG A 378 -6.54 -35.17 6.24
CA ARG A 378 -5.82 -35.95 7.17
C ARG A 378 -6.74 -37.00 7.71
N VAL A 379 -7.79 -37.40 7.00
CA VAL A 379 -8.58 -38.44 7.66
C VAL A 379 -8.18 -39.50 6.63
N LYS A 380 -7.17 -39.17 5.84
CA LYS A 380 -6.38 -40.17 5.13
C LYS A 380 -5.61 -40.94 6.20
N GLU A 381 -5.30 -40.22 7.28
CA GLU A 381 -4.68 -40.75 8.49
C GLU A 381 -3.61 -41.81 8.24
N ASN B 23 11.24 -31.36 11.79
CA ASN B 23 10.58 -31.67 13.04
C ASN B 23 10.38 -33.16 13.11
N TRP B 24 9.81 -33.94 12.88
CA TRP B 24 8.83 -35.00 12.80
C TRP B 24 7.37 -35.11 12.40
N GLU B 25 6.54 -34.40 13.14
CA GLU B 25 5.11 -34.37 12.92
C GLU B 25 4.75 -33.55 11.69
N PHE B 26 5.05 -32.25 11.74
CA PHE B 26 4.77 -31.35 10.63
C PHE B 26 5.39 -31.86 9.33
N ALA B 27 6.16 -32.93 9.43
CA ALA B 27 6.83 -33.51 8.27
C ALA B 27 5.92 -34.54 7.58
N ARG B 28 5.09 -35.21 8.37
CA ARG B 28 4.18 -36.21 7.84
C ARG B 28 2.88 -35.61 7.31
N MET B 29 2.40 -34.53 7.94
CA MET B 29 1.22 -33.84 7.41
C MET B 29 1.48 -33.30 6.01
N ILE B 30 2.66 -32.71 5.83
CA ILE B 30 3.13 -32.26 4.54
C ILE B 30 3.31 -33.45 3.61
N LYS B 31 4.06 -34.44 4.09
CA LYS B 31 4.35 -35.64 3.32
C LYS B 31 3.06 -36.29 2.86
N GLU B 32 2.07 -36.32 3.75
CA GLU B 32 0.76 -36.86 3.41
C GLU B 32 0.09 -36.02 2.33
N PHE B 33 0.31 -34.71 2.39
CA PHE B 33 -0.29 -33.79 1.42
C PHE B 33 0.33 -33.97 0.04
N ARG B 34 1.65 -34.01 -0.03
CA ARG B 34 2.36 -34.17 -1.29
C ARG B 34 2.33 -35.61 -1.80
N ALA B 35 1.45 -36.42 -1.21
CA ALA B 35 1.30 -37.81 -1.63
C ALA B 35 0.26 -37.95 -2.73
N THR B 36 -0.80 -37.14 -2.64
CA THR B 36 -1.85 -37.13 -3.64
C THR B 36 -1.67 -35.98 -4.62
N LEU B 37 -0.68 -35.13 -4.35
CA LEU B 37 -0.39 -33.98 -5.21
C LEU B 37 -0.04 -34.46 -6.62
N GLU B 38 -0.57 -33.77 -7.62
CA GLU B 38 -0.32 -34.12 -9.02
C GLU B 38 0.14 -32.90 -9.82
N CYS B 39 0.65 -31.89 -9.11
CA CYS B 39 1.11 -30.67 -9.75
C CYS B 39 1.96 -30.97 -10.98
N HIS B 40 1.88 -30.11 -11.98
CA HIS B 40 2.63 -30.29 -13.22
C HIS B 40 3.85 -29.38 -13.25
N PRO B 41 4.95 -29.85 -14.00
CA PRO B 41 6.09 -28.94 -14.00
C PRO B 41 6.17 -28.13 -15.28
N LEU B 42 6.49 -26.84 -15.15
CA LEU B 42 6.60 -25.96 -16.30
C LEU B 42 7.78 -26.34 -17.19
N THR B 43 7.50 -26.72 -18.44
CA THR B 43 8.53 -27.11 -19.37
C THR B 43 9.00 -25.92 -20.21
N MET B 44 10.22 -26.01 -20.72
CA MET B 44 10.78 -24.94 -21.54
C MET B 44 9.81 -24.62 -22.68
N THR B 45 9.22 -25.66 -23.25
CA THR B 45 8.28 -25.48 -24.35
C THR B 45 7.14 -24.52 -24.01
N ASP B 46 6.81 -24.42 -22.73
CA ASP B 46 5.74 -23.54 -22.27
C ASP B 46 5.87 -22.16 -22.90
N PRO B 47 4.76 -21.61 -23.40
CA PRO B 47 4.82 -20.37 -24.17
C PRO B 47 5.42 -19.25 -23.33
N ILE B 48 6.45 -18.60 -23.86
CA ILE B 48 6.96 -17.40 -23.21
C ILE B 48 5.83 -16.39 -23.28
N GLU B 49 5.51 -15.80 -22.14
CA GLU B 49 4.50 -14.76 -22.11
C GLU B 49 5.21 -13.43 -22.31
N GLU B 50 4.47 -12.44 -22.80
CA GLU B 50 5.02 -11.09 -22.93
C GLU B 50 4.32 -10.20 -21.92
N HIS B 51 5.08 -9.77 -20.92
CA HIS B 51 4.52 -9.10 -19.77
C HIS B 51 5.09 -7.71 -19.54
N ARG B 52 4.21 -6.76 -19.22
CA ARG B 52 4.64 -5.40 -18.92
C ARG B 52 5.25 -5.36 -17.52
N ILE B 53 4.61 -6.05 -16.59
CA ILE B 53 5.12 -6.13 -15.22
C ILE B 53 5.02 -7.57 -14.74
N CYS B 54 6.14 -8.30 -14.80
CA CYS B 54 6.17 -9.71 -14.45
C CYS B 54 6.65 -9.97 -13.03
N VAL B 55 5.93 -10.83 -12.32
CA VAL B 55 6.30 -11.25 -10.97
C VAL B 55 6.45 -12.76 -10.88
N CYS B 56 7.67 -13.21 -10.58
CA CYS B 56 7.97 -14.63 -10.47
CA CYS B 56 7.91 -14.64 -10.44
C CYS B 56 8.51 -14.96 -9.07
N VAL B 57 8.44 -16.23 -8.68
CA VAL B 57 9.00 -16.66 -7.42
C VAL B 57 9.94 -17.85 -7.66
N ARG B 58 11.10 -17.83 -7.02
CA ARG B 58 12.05 -18.92 -7.20
C ARG B 58 12.37 -19.63 -5.89
N LYS B 59 11.82 -20.84 -5.73
CA LYS B 59 12.22 -21.70 -4.63
C LYS B 59 13.62 -22.22 -4.87
N ARG B 60 14.43 -22.24 -3.84
CA ARG B 60 15.82 -22.69 -3.89
C ARG B 60 15.95 -24.11 -3.39
N PRO B 61 16.67 -24.97 -4.08
CA PRO B 61 16.72 -26.38 -3.65
C PRO B 61 17.28 -26.47 -2.23
N LEU B 62 17.02 -27.59 -1.56
CA LEU B 62 17.44 -27.74 -0.18
C LEU B 62 18.96 -27.96 -0.08
N ASN B 63 19.59 -27.26 0.86
CA ASN B 63 21.03 -27.37 1.05
C ASN B 63 21.37 -28.54 1.98
N LYS B 64 22.45 -29.24 1.66
CA LYS B 64 22.89 -30.40 2.43
C LYS B 64 23.02 -30.10 3.92
N GLN B 65 23.33 -28.84 4.26
CA GLN B 65 23.42 -28.40 5.64
C GLN B 65 22.04 -28.21 6.26
N GLU B 66 21.14 -27.63 5.48
CA GLU B 66 19.75 -27.45 5.84
C GLU B 66 19.07 -28.80 5.89
N LEU B 67 19.59 -29.72 5.11
CA LEU B 67 19.04 -31.06 5.01
C LEU B 67 19.58 -31.91 6.15
N ALA B 68 20.87 -31.78 6.39
CA ALA B 68 21.56 -32.57 7.41
C ALA B 68 20.81 -32.44 8.73
N LYS B 69 20.47 -31.21 9.10
CA LYS B 69 19.67 -30.93 10.29
C LYS B 69 18.22 -31.39 10.06
N LYS B 70 18.00 -32.18 9.01
CA LYS B 70 16.67 -32.66 8.66
C LYS B 70 15.67 -31.51 8.61
N GLU B 71 16.14 -30.33 8.20
CA GLU B 71 15.25 -29.21 7.99
C GLU B 71 14.27 -29.61 6.90
N ILE B 72 13.00 -29.41 7.17
CA ILE B 72 11.93 -29.98 6.37
C ILE B 72 11.50 -29.12 5.18
N ASP B 73 11.35 -29.77 4.03
CA ASP B 73 10.93 -29.12 2.80
C ASP B 73 9.48 -28.66 2.98
N VAL B 74 9.23 -27.37 2.75
CA VAL B 74 7.90 -26.78 2.97
C VAL B 74 7.48 -25.80 1.85
N ILE B 75 7.93 -26.04 0.62
CA ILE B 75 7.50 -25.19 -0.50
C ILE B 75 6.92 -26.05 -1.63
N SER B 76 5.59 -26.13 -1.66
CA SER B 76 4.88 -26.93 -2.65
C SER B 76 4.58 -26.09 -3.89
N ILE B 77 5.14 -26.52 -5.01
CA ILE B 77 4.98 -25.80 -6.26
C ILE B 77 4.35 -26.73 -7.30
N PRO B 78 3.01 -26.83 -7.27
CA PRO B 78 2.21 -27.78 -8.04
C PRO B 78 1.94 -27.31 -9.47
N SER B 79 1.94 -25.99 -9.69
CA SER B 79 1.67 -25.45 -11.01
C SER B 79 2.71 -24.42 -11.42
N LYS B 80 3.01 -24.39 -12.71
CA LYS B 80 3.87 -23.39 -13.33
C LYS B 80 3.54 -21.97 -12.85
N CYS B 81 2.27 -21.78 -12.48
CA CYS B 81 1.75 -20.49 -12.08
C CYS B 81 1.34 -20.46 -10.61
N LEU B 82 1.98 -21.27 -9.76
CA LEU B 82 1.46 -21.43 -8.39
C LEU B 82 2.42 -22.05 -7.37
N LEU B 83 2.47 -21.46 -6.18
CA LEU B 83 3.30 -21.95 -5.07
C LEU B 83 2.44 -22.17 -3.83
N LEU B 84 2.93 -22.99 -2.91
CA LEU B 84 2.23 -23.23 -1.64
C LEU B 84 3.19 -23.19 -0.45
N VAL B 85 2.67 -22.81 0.71
CA VAL B 85 3.42 -22.89 1.96
C VAL B 85 2.57 -23.49 3.09
N HIS B 86 2.85 -24.74 3.45
CA HIS B 86 2.24 -25.32 4.63
C HIS B 86 2.88 -24.73 5.88
N GLU B 87 2.47 -23.51 6.22
CA GLU B 87 2.99 -22.82 7.39
C GLU B 87 2.60 -23.59 8.64
N PRO B 88 3.56 -23.83 9.54
CA PRO B 88 3.26 -24.54 10.77
C PRO B 88 2.94 -23.63 11.96
N LYS B 89 1.66 -23.54 12.30
CA LYS B 89 1.28 -22.99 13.61
C LYS B 89 0.30 -23.94 14.29
N LEU B 90 -0.05 -23.67 15.54
CA LEU B 90 -0.76 -24.64 16.36
C LEU B 90 -1.67 -23.84 17.32
N LYS B 91 -2.69 -24.51 17.85
CA LYS B 91 -3.59 -23.87 18.80
C LYS B 91 -3.28 -24.33 20.21
N ASP B 93 -4.92 -26.16 22.72
CA ASP B 93 -5.11 -27.58 23.03
C ASP B 93 -3.88 -28.23 22.42
N LEU B 94 -3.24 -27.53 21.49
CA LEU B 94 -2.08 -28.08 20.78
C LEU B 94 -2.36 -29.40 19.98
N THR B 95 -3.51 -29.35 19.32
CA THR B 95 -4.03 -30.50 18.58
C THR B 95 -3.65 -30.06 17.17
N LYS B 96 -3.01 -30.98 16.44
CA LYS B 96 -2.20 -30.63 15.27
C LYS B 96 -2.97 -30.13 14.02
N TYR B 97 -2.45 -29.08 13.42
CA TYR B 97 -2.91 -28.65 12.12
C TYR B 97 -1.88 -27.97 11.26
N LEU B 98 -2.24 -27.77 10.00
CA LEU B 98 -1.32 -27.26 9.00
C LEU B 98 -2.12 -26.29 8.15
N GLU B 99 -1.53 -25.15 7.82
CA GLU B 99 -2.24 -24.16 7.02
C GLU B 99 -1.56 -24.02 5.68
N ASN B 100 -1.96 -24.86 4.73
CA ASN B 100 -1.42 -24.84 3.38
C ASN B 100 -1.89 -23.58 2.66
N GLN B 101 -0.99 -22.61 2.55
CA GLN B 101 -1.32 -21.32 1.96
C GLN B 101 -0.89 -21.19 0.51
N ALA B 102 -1.78 -20.64 -0.31
CA ALA B 102 -1.54 -20.51 -1.74
C ALA B 102 -1.22 -19.08 -2.15
N PHE B 103 -0.24 -18.94 -3.03
CA PHE B 103 0.06 -17.65 -3.65
C PHE B 103 0.23 -17.86 -5.14
N CYS B 104 -0.56 -17.14 -5.92
CA CYS B 104 -0.46 -17.26 -7.37
C CYS B 104 0.50 -16.23 -7.94
N PHE B 105 1.16 -16.57 -9.04
CA PHE B 105 2.11 -15.68 -9.66
C PHE B 105 2.14 -15.85 -11.17
N ASP B 106 2.82 -14.95 -11.85
CA ASP B 106 3.06 -15.09 -13.28
C ASP B 106 3.88 -16.35 -13.48
N PHE B 107 4.95 -16.49 -12.72
CA PHE B 107 5.74 -17.71 -12.73
C PHE B 107 6.16 -18.14 -11.33
N ALA B 108 6.41 -19.43 -11.18
CA ALA B 108 6.88 -20.00 -9.93
C ALA B 108 7.91 -21.06 -10.24
N PHE B 109 9.16 -20.82 -9.83
CA PHE B 109 10.24 -21.75 -10.07
C PHE B 109 10.45 -22.67 -8.88
N ASP B 110 10.77 -23.94 -9.15
CA ASP B 110 11.00 -24.92 -8.11
C ASP B 110 12.49 -25.13 -7.86
N GLU B 111 12.82 -26.24 -7.19
CA GLU B 111 14.20 -26.57 -6.89
C GLU B 111 14.86 -27.29 -8.06
N THR B 112 14.09 -27.52 -9.12
CA THR B 112 14.60 -28.21 -10.30
C THR B 112 14.87 -27.23 -11.44
N ALA B 113 14.36 -26.01 -11.30
CA ALA B 113 14.55 -24.99 -12.32
C ALA B 113 15.99 -24.49 -12.44
N SER B 114 16.58 -24.72 -13.61
CA SER B 114 17.93 -24.25 -13.91
C SER B 114 17.94 -22.73 -14.02
N ASN B 115 19.12 -22.14 -14.14
CA ASN B 115 19.22 -20.69 -14.34
C ASN B 115 18.64 -20.16 -15.65
N GLU B 116 18.99 -20.80 -16.75
CA GLU B 116 18.42 -20.47 -18.06
C GLU B 116 16.90 -20.64 -18.07
N VAL B 117 16.44 -21.63 -17.31
CA VAL B 117 15.01 -21.90 -17.14
C VAL B 117 14.35 -20.64 -16.56
N VAL B 118 14.96 -20.05 -15.53
CA VAL B 118 14.44 -18.82 -14.95
C VAL B 118 14.68 -17.63 -15.88
N TYR B 119 15.69 -17.74 -16.74
CA TYR B 119 16.03 -16.67 -17.66
C TYR B 119 14.97 -16.51 -18.74
N ARG B 120 14.55 -17.64 -19.31
CA ARG B 120 13.61 -17.66 -20.42
C ARG B 120 12.29 -16.93 -20.12
N PHE B 121 11.95 -16.82 -18.84
CA PHE B 121 10.65 -16.27 -18.47
C PHE B 121 10.73 -15.00 -17.62
N THR B 122 11.91 -14.40 -17.53
CA THR B 122 12.07 -13.15 -16.78
C THR B 122 12.84 -12.08 -17.54
N ALA B 123 14.06 -12.42 -17.94
CA ALA B 123 14.96 -11.44 -18.52
C ALA B 123 15.06 -11.54 -20.05
N ARG B 124 14.85 -12.73 -20.60
CA ARG B 124 14.92 -12.90 -22.06
C ARG B 124 13.95 -11.99 -22.84
N PRO B 125 12.65 -11.98 -22.47
CA PRO B 125 11.76 -11.06 -23.21
C PRO B 125 12.16 -9.60 -23.06
N LEU B 126 12.78 -9.26 -21.93
CA LEU B 126 13.18 -7.88 -21.64
C LEU B 126 14.33 -7.41 -22.53
N VAL B 127 15.15 -8.35 -23.00
CA VAL B 127 16.22 -8.05 -23.95
C VAL B 127 15.62 -7.47 -25.23
N GLN B 128 14.46 -8.02 -25.62
CA GLN B 128 13.74 -7.56 -26.79
C GLN B 128 13.28 -6.10 -26.65
N THR B 129 13.07 -5.67 -25.41
CA THR B 129 12.50 -4.34 -25.12
C THR B 129 13.52 -3.21 -25.27
N ILE B 130 14.78 -3.46 -24.93
CA ILE B 130 15.81 -2.41 -25.04
C ILE B 130 16.15 -2.08 -26.50
N PHE B 131 15.87 -3.01 -27.41
CA PHE B 131 16.16 -2.78 -28.82
C PHE B 131 15.09 -2.01 -29.58
N GLU B 132 14.11 -1.50 -28.85
CA GLU B 132 13.20 -0.49 -29.35
C GLU B 132 13.27 0.73 -28.44
N GLY B 133 14.47 1.06 -27.97
CA GLY B 133 14.68 2.18 -27.07
C GLY B 133 13.93 2.09 -25.75
N GLY B 134 13.26 0.97 -25.53
CA GLY B 134 12.49 0.75 -24.32
C GLY B 134 13.38 0.60 -23.10
N LYS B 135 12.81 0.85 -21.94
CA LYS B 135 13.56 0.74 -20.69
C LYS B 135 13.20 -0.55 -19.94
N ALA B 136 14.22 -1.28 -19.51
CA ALA B 136 13.98 -2.53 -18.78
C ALA B 136 14.72 -2.52 -17.45
N THR B 137 14.10 -3.13 -16.44
CA THR B 137 14.67 -3.21 -15.10
C THR B 137 14.17 -4.47 -14.41
N CYS B 138 15.09 -5.29 -13.91
CA CYS B 138 14.72 -6.60 -13.37
C CYS B 138 15.40 -6.93 -12.04
N PHE B 139 14.60 -7.31 -11.04
CA PHE B 139 15.11 -7.52 -9.68
C PHE B 139 15.03 -8.97 -9.20
N ALA B 140 15.96 -9.32 -8.30
CA ALA B 140 15.74 -10.43 -7.38
C ALA B 140 15.52 -9.82 -6.01
N TYR B 141 14.52 -10.31 -5.30
CA TYR B 141 14.19 -9.77 -4.00
C TYR B 141 13.88 -10.88 -3.00
N GLY B 142 14.83 -11.14 -2.11
CA GLY B 142 14.66 -12.19 -1.12
C GLY B 142 15.68 -12.02 -0.02
N GLN B 143 15.63 -12.90 0.97
CA GLN B 143 16.55 -12.84 2.09
C GLN B 143 17.93 -13.31 1.70
N THR B 144 18.88 -13.16 2.62
CA THR B 144 20.19 -13.75 2.45
C THR B 144 20.00 -15.26 2.51
N GLY B 145 20.59 -15.98 1.56
CA GLY B 145 20.38 -17.41 1.48
C GLY B 145 19.00 -17.73 0.96
N SER B 146 18.66 -17.15 -0.18
CA SER B 146 17.40 -17.41 -0.86
C SER B 146 17.66 -17.68 -2.33
N GLY B 147 18.72 -17.08 -2.85
CA GLY B 147 19.14 -17.34 -4.22
C GLY B 147 19.51 -16.12 -5.04
N LYS B 148 19.21 -14.92 -4.54
CA LYS B 148 19.39 -13.67 -5.28
C LYS B 148 20.62 -13.34 -6.13
N THR B 149 21.72 -13.21 -5.42
CA THR B 149 23.01 -12.89 -5.96
C THR B 149 23.61 -14.09 -6.63
N HIS B 150 22.93 -15.21 -6.53
CA HIS B 150 23.18 -16.37 -7.33
C HIS B 150 21.88 -16.16 -7.88
N THR B 151 21.56 -16.83 -8.99
CA THR B 151 20.26 -16.68 -9.62
C THR B 151 20.19 -15.41 -10.46
N MET B 152 21.25 -14.60 -10.39
CA MET B 152 21.31 -13.35 -11.13
C MET B 152 22.71 -13.31 -11.75
N GLY B 153 23.73 -13.52 -10.93
CA GLY B 153 25.10 -13.36 -11.34
C GLY B 153 26.05 -14.32 -10.64
N SER B 164 28.31 -16.22 -15.66
CA SER B 164 28.17 -17.41 -16.52
C SER B 164 26.96 -18.15 -15.99
N LYS B 165 26.82 -18.10 -14.66
CA LYS B 165 25.60 -18.53 -13.99
C LYS B 165 24.58 -17.42 -14.13
N GLY B 166 25.09 -16.19 -14.18
CA GLY B 166 24.27 -15.02 -13.96
C GLY B 166 23.26 -14.66 -15.04
N ILE B 167 22.10 -14.21 -14.59
CA ILE B 167 21.12 -13.55 -15.44
C ILE B 167 21.80 -12.36 -16.13
N TYR B 168 22.78 -11.76 -15.45
CA TYR B 168 23.67 -10.77 -16.04
C TYR B 168 24.29 -11.34 -17.31
N ALA B 169 24.99 -12.46 -17.14
CA ALA B 169 25.79 -13.06 -18.20
C ALA B 169 24.95 -13.47 -19.39
N MET B 170 23.81 -14.08 -19.09
CA MET B 170 22.92 -14.57 -20.14
C MET B 170 22.25 -13.41 -20.85
N ALA B 171 22.09 -12.28 -20.15
CA ALA B 171 21.56 -11.07 -20.78
C ALA B 171 22.47 -10.63 -21.91
N SER B 172 23.76 -10.49 -21.62
CA SER B 172 24.74 -10.08 -22.63
C SER B 172 24.77 -11.06 -23.79
N ARG B 173 24.98 -12.33 -23.49
CA ARG B 173 25.03 -13.36 -24.51
C ARG B 173 23.88 -13.22 -25.50
N ASP B 174 22.68 -12.99 -24.97
CA ASP B 174 21.49 -12.83 -25.79
C ASP B 174 21.50 -11.48 -26.51
N VAL B 175 22.09 -10.49 -25.86
CA VAL B 175 22.16 -9.14 -26.43
C VAL B 175 23.06 -9.12 -27.66
N PHE B 176 24.27 -9.66 -27.52
CA PHE B 176 25.23 -9.69 -28.62
C PHE B 176 24.63 -10.40 -29.84
N LEU B 177 23.89 -11.48 -29.59
CA LEU B 177 23.26 -12.25 -30.65
C LEU B 177 22.38 -11.35 -31.53
N LEU B 178 21.69 -10.42 -30.89
CA LEU B 178 20.81 -9.50 -31.62
C LEU B 178 21.62 -8.55 -32.50
N LYS B 179 22.67 -7.97 -31.93
CA LYS B 179 23.52 -7.05 -32.67
C LYS B 179 24.05 -7.69 -33.95
N ASN B 180 24.28 -9.00 -33.90
CA ASN B 180 24.78 -9.74 -35.05
C ASN B 180 23.71 -9.91 -36.13
N GLN B 181 22.49 -10.23 -35.70
CA GLN B 181 21.38 -10.43 -36.61
C GLN B 181 21.32 -9.30 -37.64
N PRO B 182 20.99 -9.66 -38.88
CA PRO B 182 20.90 -8.68 -39.97
C PRO B 182 19.59 -7.88 -39.95
N CYS B 183 19.20 -7.42 -38.77
CA CYS B 183 17.92 -6.73 -38.61
C CYS B 183 18.04 -5.48 -37.76
N TYR B 184 19.15 -5.32 -37.07
CA TYR B 184 19.35 -4.23 -36.14
C TYR B 184 20.71 -3.72 -36.44
N ARG B 185 21.31 -4.21 -37.49
CA ARG B 185 22.70 -3.91 -37.75
C ARG B 185 22.83 -2.50 -38.28
N LYS B 186 21.71 -1.96 -38.73
CA LYS B 186 21.55 -0.54 -38.94
C LYS B 186 21.52 -0.08 -37.50
N LEU B 187 21.71 1.20 -37.22
CA LEU B 187 21.93 1.61 -35.85
C LEU B 187 23.23 0.97 -35.43
N GLY B 188 24.35 1.49 -35.89
CA GLY B 188 25.62 0.88 -35.61
C GLY B 188 26.05 1.13 -34.21
N LEU B 189 25.74 0.19 -33.32
CA LEU B 189 25.78 0.36 -31.87
C LEU B 189 27.07 -0.03 -31.18
N GLU B 190 27.38 0.64 -30.09
CA GLU B 190 28.60 0.35 -29.34
C GLU B 190 28.28 -0.17 -27.94
N VAL B 191 28.13 -1.48 -27.83
CA VAL B 191 27.82 -2.12 -26.55
C VAL B 191 28.68 -1.54 -25.43
N TYR B 192 28.05 -1.27 -24.28
CA TYR B 192 28.76 -0.72 -23.13
C TYR B 192 28.50 -1.56 -21.88
N VAL B 193 29.05 -1.11 -20.76
CA VAL B 193 28.87 -1.81 -19.49
C VAL B 193 29.07 -0.87 -18.31
N THR B 194 28.43 -1.18 -17.19
CA THR B 194 28.54 -0.36 -15.98
C THR B 194 27.97 -1.10 -14.77
N PHE B 195 28.86 -1.43 -13.83
CA PHE B 195 28.45 -2.12 -12.62
C PHE B 195 28.78 -1.31 -11.37
N PHE B 196 27.74 -0.81 -10.70
CA PHE B 196 27.93 -0.01 -9.50
C PHE B 196 27.12 -0.58 -8.33
N GLU B 197 27.48 -0.18 -7.12
CA GLU B 197 26.81 -0.65 -5.92
C GLU B 197 26.39 0.52 -5.03
N ILE B 198 25.14 0.50 -4.57
CA ILE B 198 24.62 1.55 -3.72
C ILE B 198 24.51 1.02 -2.29
N TYR B 199 25.08 1.76 -1.35
CA TYR B 199 25.05 1.37 0.05
C TYR B 199 24.72 2.56 0.95
N ASN B 200 23.54 2.54 1.55
CA ASN B 200 23.10 3.61 2.43
C ASN B 200 23.37 4.98 1.84
N GLY B 201 22.65 5.32 0.77
CA GLY B 201 22.80 6.60 0.11
C GLY B 201 24.19 6.79 -0.47
N LYS B 202 25.15 6.04 0.06
CA LYS B 202 26.53 6.13 -0.41
C LYS B 202 26.78 5.13 -1.53
N LEU B 203 26.59 5.57 -2.77
CA LEU B 203 26.80 4.72 -3.94
C LEU B 203 28.28 4.54 -4.22
N PHE B 204 28.61 3.48 -4.97
CA PHE B 204 29.99 3.20 -5.32
C PHE B 204 30.10 2.53 -6.68
N ASP B 205 31.05 3.00 -7.48
CA ASP B 205 31.26 2.48 -8.83
C ASP B 205 32.28 1.35 -8.77
N LEU B 206 31.82 0.14 -9.05
CA LEU B 206 32.68 -1.03 -9.00
C LEU B 206 33.54 -1.14 -10.24
N LEU B 207 33.75 -0.01 -10.90
CA LEU B 207 34.52 0.01 -12.13
C LEU B 207 35.90 0.59 -11.89
N ASN B 208 36.06 1.25 -10.74
CA ASN B 208 37.35 1.80 -10.36
C ASN B 208 37.94 1.09 -9.14
N LYS B 209 38.76 1.81 -8.38
CA LYS B 209 39.33 1.25 -7.16
C LYS B 209 38.20 1.42 -6.15
N LYS B 210 37.08 0.74 -6.42
CA LYS B 210 35.89 0.88 -5.59
C LYS B 210 35.63 2.34 -5.25
N ALA B 211 35.56 3.17 -6.28
CA ALA B 211 35.38 4.61 -6.08
C ALA B 211 33.94 5.00 -5.84
N LYS B 212 33.74 6.19 -5.32
CA LYS B 212 32.41 6.70 -5.00
C LYS B 212 31.90 7.62 -6.10
N LEU B 213 30.61 7.96 -6.06
CA LEU B 213 29.99 8.72 -7.13
C LEU B 213 29.12 9.84 -6.60
N ARG B 214 28.57 10.63 -7.51
CA ARG B 214 27.68 11.73 -7.14
C ARG B 214 26.42 11.66 -7.98
N VAL B 215 25.29 12.04 -7.39
CA VAL B 215 24.02 11.99 -8.08
C VAL B 215 23.22 13.29 -7.96
N LEU B 216 22.80 13.82 -9.10
CA LEU B 216 21.98 15.02 -9.13
C LEU B 216 20.94 14.93 -10.23
N GLU B 217 20.03 15.89 -10.23
CA GLU B 217 19.04 16.00 -11.28
C GLU B 217 18.64 17.45 -11.55
N ASP B 218 18.52 17.81 -12.82
CA ASP B 218 18.22 19.18 -13.21
C ASP B 218 16.79 19.55 -12.84
N GLY B 219 16.43 20.81 -13.07
CA GLY B 219 15.10 21.30 -12.77
C GLY B 219 14.01 20.49 -13.45
N GLN B 222 13.98 14.63 -14.23
CA GLN B 222 15.09 13.99 -14.91
C GLN B 222 16.17 13.55 -13.91
N VAL B 223 16.95 12.55 -14.30
CA VAL B 223 18.01 12.03 -13.44
C VAL B 223 19.28 11.77 -14.24
N GLN B 224 20.42 11.84 -13.57
CA GLN B 224 21.72 11.61 -14.21
C GLN B 224 22.83 11.49 -13.19
N VAL B 225 23.69 10.50 -13.37
CA VAL B 225 24.81 10.28 -12.45
C VAL B 225 25.98 11.19 -12.78
N VAL B 226 27.09 10.98 -12.10
CA VAL B 226 28.29 11.79 -12.32
C VAL B 226 29.56 11.00 -11.99
N GLY B 227 30.45 10.91 -12.98
CA GLY B 227 31.70 10.19 -12.80
C GLY B 227 31.65 8.79 -13.40
N LEU B 228 30.44 8.27 -13.54
CA LEU B 228 30.24 6.93 -14.09
C LEU B 228 31.10 6.72 -15.34
N GLN B 229 31.71 5.55 -15.45
CA GLN B 229 32.56 5.23 -16.59
C GLN B 229 31.97 4.10 -17.42
N GLU B 230 31.15 4.46 -18.41
CA GLU B 230 30.52 3.48 -19.29
C GLU B 230 31.56 2.62 -19.99
N HIS B 231 31.66 1.36 -19.58
CA HIS B 231 32.62 0.44 -20.16
C HIS B 231 32.05 -0.24 -21.41
N LEU B 232 32.60 0.11 -22.56
CA LEU B 232 32.15 -0.46 -23.82
C LEU B 232 32.74 -1.84 -24.02
N VAL B 233 31.87 -2.83 -24.20
CA VAL B 233 32.30 -4.19 -24.49
C VAL B 233 31.89 -4.55 -25.92
N ASN B 234 32.53 -5.55 -26.50
CA ASN B 234 32.15 -6.02 -27.83
C ASN B 234 32.24 -7.55 -27.88
N SER B 235 32.68 -8.15 -26.77
CA SER B 235 32.48 -9.57 -26.51
C SER B 235 31.72 -9.95 -25.26
N ALA B 236 30.83 -10.94 -25.34
CA ALA B 236 29.97 -11.32 -24.21
C ALA B 236 30.92 -11.76 -23.09
N ASP B 237 32.10 -12.23 -23.48
CA ASP B 237 33.12 -12.67 -22.53
C ASP B 237 33.65 -11.42 -21.83
N ASP B 238 33.63 -10.30 -22.55
CA ASP B 238 34.09 -9.03 -22.01
C ASP B 238 33.31 -8.66 -20.74
N VAL B 239 31.99 -8.57 -20.87
CA VAL B 239 31.08 -8.35 -19.74
C VAL B 239 31.35 -9.18 -18.49
N ILE B 240 31.54 -10.48 -18.68
CA ILE B 240 31.82 -11.40 -17.58
C ILE B 240 33.10 -11.02 -16.81
N LYS B 241 34.17 -10.72 -17.54
CA LYS B 241 35.40 -10.26 -16.93
C LYS B 241 35.32 -8.79 -16.53
N MET B 242 34.27 -8.09 -16.98
CA MET B 242 34.00 -6.72 -16.54
C MET B 242 33.22 -6.71 -15.23
N ILE B 243 32.22 -7.60 -15.12
CA ILE B 243 31.44 -7.76 -13.91
C ILE B 243 32.34 -8.17 -12.74
N ASP B 244 33.09 -9.25 -12.94
CA ASP B 244 33.88 -9.89 -11.89
C ASP B 244 34.67 -8.94 -10.99
N MET B 245 34.97 -7.75 -11.50
CA MET B 245 35.55 -6.68 -10.69
C MET B 245 34.68 -6.41 -9.45
N GLY B 246 33.44 -6.02 -9.68
CA GLY B 246 32.50 -5.74 -8.60
C GLY B 246 32.33 -6.97 -7.74
N SER B 247 32.27 -8.12 -8.39
CA SER B 247 32.26 -9.40 -7.69
C SER B 247 33.45 -9.50 -6.74
N ALA B 248 34.65 -9.39 -7.31
CA ALA B 248 35.89 -9.37 -6.54
C ALA B 248 35.99 -8.28 -5.47
N CYS B 249 35.44 -7.11 -5.77
CA CYS B 249 35.51 -5.97 -4.86
C CYS B 249 34.57 -6.12 -3.66
N ARG B 250 33.27 -6.24 -3.93
CA ARG B 250 32.23 -6.24 -2.90
C ARG B 250 32.50 -7.19 -1.73
N ASN B 260 28.74 -7.71 5.72
CA ASN B 260 27.96 -8.57 4.82
C ASN B 260 27.54 -7.99 3.47
N SER B 261 27.68 -8.80 2.41
CA SER B 261 27.27 -8.39 1.07
C SER B 261 25.78 -8.01 1.12
N SER B 262 25.16 -8.34 2.24
CA SER B 262 23.72 -8.23 2.43
C SER B 262 23.03 -6.93 2.89
N ARG B 263 23.86 -5.93 3.15
CA ARG B 263 23.39 -4.60 3.53
C ARG B 263 23.39 -3.60 2.39
N SER B 264 23.68 -4.10 1.19
CA SER B 264 23.79 -3.24 0.01
C SER B 264 23.25 -3.93 -1.23
N HIS B 265 22.76 -3.12 -2.17
CA HIS B 265 22.30 -3.64 -3.46
C HIS B 265 23.45 -3.61 -4.46
N ALA B 266 23.36 -4.45 -5.49
CA ALA B 266 24.27 -4.37 -6.62
C ALA B 266 23.44 -4.07 -7.86
N CYS B 267 23.72 -2.96 -8.51
CA CYS B 267 22.96 -2.57 -9.69
C CYS B 267 23.81 -2.59 -10.95
N PHE B 268 23.33 -3.30 -11.95
CA PHE B 268 24.08 -3.51 -13.19
C PHE B 268 23.29 -2.97 -14.38
N GLN B 269 23.85 -1.95 -15.04
CA GLN B 269 23.18 -1.32 -16.17
C GLN B 269 23.77 -1.71 -17.52
N ILE B 270 22.96 -2.33 -18.37
CA ILE B 270 23.31 -2.50 -19.78
C ILE B 270 22.72 -1.31 -20.54
N ILE B 271 23.55 -0.64 -21.33
CA ILE B 271 23.08 0.48 -22.14
C ILE B 271 23.42 0.24 -23.60
N LEU B 272 22.45 0.48 -24.47
CA LEU B 272 22.68 0.44 -25.89
C LEU B 272 22.90 1.86 -26.38
N ARG B 273 23.98 2.05 -27.15
CA ARG B 273 24.20 3.33 -27.80
C ARG B 273 24.48 3.12 -29.28
N ALA B 274 23.81 3.90 -30.12
CA ALA B 274 23.96 3.77 -31.56
C ALA B 274 25.19 4.54 -32.04
N LYS B 275 25.13 5.86 -31.95
CA LYS B 275 26.25 6.71 -32.35
C LYS B 275 26.60 7.68 -31.22
N GLY B 276 26.66 7.16 -30.00
CA GLY B 276 26.87 7.98 -28.81
C GLY B 276 25.54 8.48 -28.27
N ARG B 277 24.49 8.24 -29.05
CA ARG B 277 23.12 8.57 -28.65
C ARG B 277 22.49 7.38 -27.91
N MET B 278 21.89 7.65 -26.75
CA MET B 278 21.36 6.59 -25.92
C MET B 278 20.09 5.97 -26.49
N HIS B 279 20.06 4.64 -26.51
CA HIS B 279 18.96 3.88 -27.08
C HIS B 279 18.03 3.45 -25.95
N GLY B 280 18.45 2.41 -25.25
CA GLY B 280 17.71 1.86 -24.15
C GLY B 280 18.63 1.25 -23.11
N LYS B 281 18.26 1.40 -21.84
CA LYS B 281 19.09 0.97 -20.73
C LYS B 281 18.40 -0.16 -19.95
N PHE B 282 19.15 -1.23 -19.69
CA PHE B 282 18.64 -2.35 -18.92
C PHE B 282 19.31 -2.47 -17.56
N SER B 283 18.53 -2.31 -16.49
CA SER B 283 19.04 -2.45 -15.14
C SER B 283 18.75 -3.79 -14.46
N LEU B 284 19.82 -4.47 -14.05
CA LEU B 284 19.69 -5.74 -13.33
C LEU B 284 20.19 -5.57 -11.90
N VAL B 285 19.31 -5.75 -10.92
CA VAL B 285 19.66 -5.45 -9.53
C VAL B 285 19.62 -6.67 -8.61
N ASP B 286 20.74 -6.92 -7.94
CA ASP B 286 20.77 -7.87 -6.84
C ASP B 286 20.54 -7.07 -5.56
N LEU B 287 19.27 -6.99 -5.15
CA LEU B 287 18.86 -6.14 -4.05
C LEU B 287 19.54 -6.49 -2.72
N ALA B 288 19.55 -5.52 -1.81
CA ALA B 288 20.06 -5.74 -0.46
C ALA B 288 19.13 -6.70 0.27
N GLY B 289 19.68 -7.45 1.21
CA GLY B 289 18.92 -8.46 1.95
C GLY B 289 17.61 -7.86 2.45
N ASN B 290 16.51 -8.47 2.05
CA ASN B 290 15.17 -7.96 2.38
C ASN B 290 14.70 -8.18 3.85
N GLU B 291 15.55 -8.90 4.58
CA GLU B 291 15.25 -9.26 5.95
C GLU B 291 15.39 -7.96 6.74
N GLY B 307 20.48 -0.15 7.82
CA GLY B 307 19.64 -1.33 7.93
C GLY B 307 18.17 -0.97 8.04
N ALA B 308 17.89 0.26 8.44
CA ALA B 308 16.52 0.75 8.54
C ALA B 308 16.14 1.51 7.29
N GLU B 309 17.15 2.09 6.62
CA GLU B 309 16.94 2.79 5.36
C GLU B 309 16.56 1.78 4.28
N ILE B 310 17.02 0.54 4.45
CA ILE B 310 16.80 -0.52 3.47
C ILE B 310 15.32 -0.79 3.25
N ASN B 311 14.57 -0.85 4.35
CA ASN B 311 13.13 -1.13 4.27
C ASN B 311 12.37 0.00 3.57
N LYS B 312 12.90 1.22 3.68
CA LYS B 312 12.30 2.37 3.01
C LYS B 312 12.84 2.55 1.59
N SER B 313 13.86 1.76 1.25
CA SER B 313 14.33 1.69 -0.13
C SER B 313 13.41 0.78 -0.90
N LEU B 314 12.80 -0.18 -0.18
CA LEU B 314 11.89 -1.15 -0.77
C LEU B 314 10.46 -0.66 -0.63
N LEU B 315 10.25 0.28 0.29
CA LEU B 315 8.99 0.98 0.41
C LEU B 315 8.79 1.75 -0.89
N ALA B 316 9.80 2.53 -1.24
CA ALA B 316 9.78 3.35 -2.44
C ALA B 316 9.78 2.54 -3.74
N LEU B 317 10.61 1.50 -3.80
CA LEU B 317 10.68 0.64 -4.98
C LEU B 317 9.32 0.05 -5.27
N LYS B 318 8.74 -0.61 -4.26
CA LYS B 318 7.41 -1.21 -4.39
C LYS B 318 6.39 -0.17 -4.82
N GLU B 319 6.51 1.03 -4.28
CA GLU B 319 5.63 2.13 -4.63
C GLU B 319 5.81 2.55 -6.09
N CYS B 320 7.04 2.43 -6.59
CA CYS B 320 7.36 2.89 -7.94
C CYS B 320 7.07 1.83 -9.01
N ILE B 321 6.74 0.62 -8.58
CA ILE B 321 6.31 -0.42 -9.51
C ILE B 321 4.78 -0.41 -9.57
N ARG B 322 4.19 0.29 -8.60
CA ARG B 322 2.74 0.43 -8.53
C ARG B 322 2.23 1.39 -9.60
N ALA B 323 2.93 2.51 -9.77
CA ALA B 323 2.52 3.54 -10.72
C ALA B 323 2.97 3.25 -12.15
N LEU B 324 3.87 2.27 -12.31
CA LEU B 324 4.26 1.82 -13.65
C LEU B 324 3.10 1.09 -14.30
N GLY B 325 2.27 0.47 -13.47
CA GLY B 325 1.07 -0.19 -13.95
C GLY B 325 -0.01 0.84 -14.24
N GLN B 326 -0.10 1.85 -13.38
CA GLN B 326 -1.10 2.90 -13.54
C GLN B 326 -0.62 4.02 -14.48
N ASN B 327 0.55 3.83 -15.09
CA ASN B 327 1.15 4.81 -15.98
C ASN B 327 1.29 6.21 -15.36
N THR B 331 5.55 8.71 -9.86
CA THR B 331 6.27 7.80 -8.99
C THR B 331 7.05 8.58 -7.92
N PRO B 332 6.82 8.24 -6.64
CA PRO B 332 7.50 8.81 -5.46
C PRO B 332 9.01 8.48 -5.39
N PHE B 333 9.74 8.85 -6.43
CA PHE B 333 11.16 8.53 -6.59
C PHE B 333 12.11 9.26 -5.65
N ARG B 334 11.80 10.52 -5.33
CA ARG B 334 12.70 11.39 -4.58
C ARG B 334 13.07 10.86 -3.19
N GLU B 335 12.39 9.81 -2.75
CA GLU B 335 12.59 9.28 -1.41
C GLU B 335 13.91 8.53 -1.24
N SER B 336 14.12 7.45 -1.99
CA SER B 336 15.29 6.61 -1.82
C SER B 336 16.21 6.58 -3.03
N LYS B 337 17.49 6.30 -2.79
CA LYS B 337 18.51 6.36 -3.83
C LYS B 337 18.37 5.32 -4.94
N LEU B 338 17.74 4.19 -4.63
CA LEU B 338 17.51 3.16 -5.64
C LEU B 338 16.46 3.64 -6.64
N THR B 339 15.43 4.31 -6.12
CA THR B 339 14.34 4.82 -6.95
C THR B 339 14.75 6.00 -7.81
N GLN B 340 15.84 6.66 -7.44
CA GLN B 340 16.32 7.82 -8.17
C GLN B 340 17.08 7.42 -9.44
N VAL B 341 17.98 6.46 -9.31
CA VAL B 341 18.84 6.04 -10.42
C VAL B 341 18.05 5.35 -11.52
N LEU B 342 17.01 4.61 -11.14
CA LEU B 342 16.24 3.84 -12.10
C LEU B 342 14.86 4.44 -12.34
N ARG B 343 14.72 5.75 -12.12
CA ARG B 343 13.44 6.43 -12.28
C ARG B 343 12.93 6.38 -13.71
N ASP B 344 13.87 6.47 -14.65
CA ASP B 344 13.56 6.45 -16.07
C ASP B 344 12.79 5.18 -16.44
N SER B 345 13.29 4.03 -15.99
CA SER B 345 12.68 2.73 -16.30
C SER B 345 11.31 2.52 -15.67
N PHE B 346 10.74 3.57 -15.08
CA PHE B 346 9.44 3.49 -14.44
C PHE B 346 8.44 4.48 -15.05
N ILE B 347 8.81 5.05 -16.19
CA ILE B 347 7.99 6.06 -16.85
C ILE B 347 7.73 5.73 -18.33
N GLY B 348 6.59 6.16 -18.85
CA GLY B 348 6.26 5.97 -20.25
C GLY B 348 5.63 4.62 -20.51
N GLU B 349 5.27 4.37 -21.76
CA GLU B 349 4.68 3.10 -22.15
C GLU B 349 5.75 2.16 -22.71
N ASN B 350 7.00 2.56 -22.54
CA ASN B 350 8.13 1.83 -23.10
C ASN B 350 8.90 1.03 -22.05
N SER B 351 8.41 1.04 -20.82
CA SER B 351 9.17 0.46 -19.71
C SER B 351 8.55 -0.80 -19.10
N ARG B 352 9.31 -1.90 -19.16
CA ARG B 352 8.88 -3.17 -18.60
C ARG B 352 9.79 -3.59 -17.45
N THR B 353 9.20 -4.18 -16.41
CA THR B 353 9.97 -4.62 -15.26
C THR B 353 9.69 -6.09 -14.95
N CYS B 354 10.66 -6.77 -14.35
CA CYS B 354 10.47 -8.15 -13.93
C CYS B 354 11.07 -8.40 -12.54
N MET B 355 10.25 -8.91 -11.64
CA MET B 355 10.69 -9.16 -10.27
C MET B 355 10.87 -10.64 -9.99
N ILE B 356 12.01 -11.01 -9.41
CA ILE B 356 12.25 -12.38 -8.97
C ILE B 356 12.34 -12.45 -7.44
N ALA B 357 11.19 -12.50 -6.77
CA ALA B 357 11.18 -12.70 -5.33
C ALA B 357 11.58 -14.13 -5.02
N THR B 358 12.84 -14.33 -4.61
CA THR B 358 13.33 -15.68 -4.36
C THR B 358 13.31 -16.03 -2.87
N ILE B 359 13.09 -17.30 -2.58
CA ILE B 359 12.84 -17.75 -1.21
C ILE B 359 13.70 -18.92 -0.78
N SER B 360 13.49 -19.36 0.46
CA SER B 360 14.18 -20.51 1.03
C SER B 360 13.19 -21.61 1.41
N PRO B 361 13.51 -22.87 1.08
CA PRO B 361 12.63 -24.03 1.22
C PRO B 361 12.44 -24.52 2.65
N GLY B 362 13.22 -24.03 3.60
CA GLY B 362 13.22 -24.56 4.96
C GLY B 362 12.15 -24.06 5.90
N ILE B 363 11.80 -24.87 6.89
CA ILE B 363 10.73 -24.57 7.84
C ILE B 363 11.01 -23.36 8.71
N SER B 364 12.29 -23.16 9.05
CA SER B 364 12.69 -22.06 9.92
C SER B 364 12.52 -20.73 9.20
N SER B 365 12.69 -20.75 7.87
CA SER B 365 12.57 -19.56 7.04
C SER B 365 11.10 -19.12 6.91
N CYS B 366 10.19 -20.08 7.01
CA CYS B 366 8.76 -19.84 6.78
C CYS B 366 8.18 -18.61 7.46
N GLU B 367 8.75 -18.23 8.59
CA GLU B 367 8.36 -17.00 9.26
C GLU B 367 8.72 -15.79 8.39
N TYR B 368 9.86 -15.86 7.72
CA TYR B 368 10.40 -14.71 7.00
C TYR B 368 10.21 -14.81 5.48
N THR B 369 10.00 -16.03 4.97
CA THR B 369 9.73 -16.18 3.54
C THR B 369 8.24 -16.11 3.25
N LEU B 370 7.44 -15.86 4.30
CA LEU B 370 6.02 -15.58 4.11
C LEU B 370 5.77 -14.08 4.09
N ASN B 371 6.84 -13.31 4.32
CA ASN B 371 6.80 -11.86 4.17
C ASN B 371 7.25 -11.49 2.77
N THR B 372 8.33 -12.11 2.32
CA THR B 372 8.82 -11.96 0.94
C THR B 372 7.69 -12.30 -0.04
N LEU B 373 6.94 -13.34 0.27
CA LEU B 373 5.78 -13.69 -0.52
C LEU B 373 4.67 -12.64 -0.37
N ARG B 374 4.54 -12.07 0.82
CA ARG B 374 3.55 -11.01 1.05
C ARG B 374 3.93 -9.70 0.38
N TYR B 375 5.23 -9.43 0.29
CA TYR B 375 5.72 -8.28 -0.45
C TYR B 375 5.33 -8.42 -1.92
N ALA B 376 5.65 -9.57 -2.50
CA ALA B 376 5.47 -9.81 -3.92
C ALA B 376 4.01 -9.74 -4.36
N ASP B 377 3.12 -10.27 -3.53
CA ASP B 377 1.69 -10.30 -3.84
C ASP B 377 1.09 -8.90 -3.93
N ARG B 378 1.83 -7.92 -3.41
CA ARG B 378 1.38 -6.53 -3.42
C ARG B 378 2.09 -5.72 -4.51
N VAL B 379 2.68 -6.42 -5.46
CA VAL B 379 3.43 -5.81 -6.56
C VAL B 379 2.73 -6.19 -7.90
N LYS B 380 1.64 -6.94 -7.78
CA LYS B 380 0.76 -7.21 -8.92
C LYS B 380 -0.62 -6.58 -8.69
N GLU B 381 -0.83 -5.40 -9.28
CA GLU B 381 -2.10 -4.70 -9.17
C GLU B 381 -2.23 -3.62 -10.24
N ASN C 23 3.93 34.61 26.99
CA ASN C 23 4.61 33.40 26.54
C ASN C 23 4.17 32.17 27.32
N TRP C 24 3.24 31.42 26.74
CA TRP C 24 2.72 30.21 27.38
C TRP C 24 1.58 29.60 26.58
N GLU C 25 0.52 30.39 26.38
CA GLU C 25 -0.65 29.93 25.63
C GLU C 25 -0.28 29.61 24.19
N PHE C 26 0.61 30.41 23.61
CA PHE C 26 1.05 30.22 22.24
C PHE C 26 1.78 28.88 22.08
N ALA C 27 2.65 28.56 23.04
CA ALA C 27 3.42 27.32 23.00
C ALA C 27 2.49 26.11 23.04
N ARG C 28 1.40 26.23 23.79
CA ARG C 28 0.42 25.17 23.87
C ARG C 28 -0.42 25.09 22.59
N MET C 29 -0.75 26.24 22.01
CA MET C 29 -1.46 26.26 20.74
C MET C 29 -0.58 25.65 19.65
N ILE C 30 0.68 26.10 19.60
CA ILE C 30 1.66 25.60 18.64
C ILE C 30 1.85 24.08 18.72
N LYS C 31 1.72 23.52 19.91
CA LYS C 31 1.87 22.06 20.08
C LYS C 31 0.72 21.28 19.44
N GLU C 32 -0.50 21.72 19.67
CA GLU C 32 -1.67 21.05 19.10
C GLU C 32 -1.62 21.16 17.58
N PHE C 33 -1.07 22.27 17.09
CA PHE C 33 -0.84 22.44 15.67
C PHE C 33 0.07 21.32 15.17
N ARG C 34 1.12 21.04 15.95
CA ARG C 34 2.18 20.13 15.54
C ARG C 34 1.86 18.65 15.74
N ALA C 35 1.18 18.33 16.83
CA ALA C 35 0.82 16.95 17.13
C ALA C 35 0.11 16.29 15.96
N THR C 36 -0.88 17.01 15.42
CA THR C 36 -1.63 16.58 14.24
C THR C 36 -0.73 16.44 13.02
N LEU C 37 0.29 17.29 12.93
CA LEU C 37 1.14 17.35 11.75
C LEU C 37 2.35 16.43 11.80
N GLU C 38 2.43 15.50 10.84
CA GLU C 38 3.59 14.63 10.75
C GLU C 38 4.56 15.04 9.63
N CYS C 39 5.72 15.53 10.02
CA CYS C 39 6.64 16.14 9.08
C CYS C 39 7.57 15.14 8.39
N HIS C 40 8.27 15.64 7.37
CA HIS C 40 9.26 14.86 6.64
C HIS C 40 10.42 15.77 6.29
N PRO C 41 11.34 16.01 7.32
CA PRO C 41 12.35 17.03 6.96
C PRO C 41 13.44 16.52 6.05
N LEU C 42 14.34 17.41 5.67
CA LEU C 42 15.42 17.09 4.75
C LEU C 42 16.43 16.01 5.14
N THR C 43 16.74 15.12 4.20
CA THR C 43 17.57 13.94 4.45
C THR C 43 18.86 14.01 3.65
N MET C 44 19.94 13.32 4.07
CA MET C 44 21.13 13.48 3.24
C MET C 44 21.12 12.49 2.07
N THR C 45 20.00 11.80 1.90
CA THR C 45 19.87 10.83 0.81
C THR C 45 19.09 11.44 -0.36
N ASP C 46 18.50 12.60 -0.14
CA ASP C 46 17.74 13.28 -1.19
C ASP C 46 18.59 13.50 -2.43
N PRO C 47 17.91 14.01 -3.54
CA PRO C 47 18.77 14.22 -4.72
C PRO C 47 19.17 15.68 -4.88
N ILE C 48 20.33 15.91 -5.49
CA ILE C 48 20.83 17.26 -5.70
C ILE C 48 20.17 17.90 -6.92
N GLU C 49 19.66 19.12 -6.74
CA GLU C 49 19.01 19.85 -7.82
C GLU C 49 19.91 20.92 -8.42
N GLU C 50 20.07 20.86 -9.75
CA GLU C 50 20.87 21.86 -10.46
C GLU C 50 19.96 23.01 -10.89
N HIS C 51 20.16 24.19 -10.30
CA HIS C 51 19.30 25.34 -10.58
C HIS C 51 20.08 26.62 -10.83
N ARG C 52 19.48 27.56 -11.55
CA ARG C 52 20.09 28.87 -11.77
C ARG C 52 19.84 29.80 -10.59
N ILE C 53 18.61 29.75 -10.06
CA ILE C 53 18.26 30.56 -8.89
C ILE C 53 17.72 29.68 -7.76
N CYS C 54 18.33 29.80 -6.59
CA CYS C 54 17.98 28.94 -5.47
C CYS C 54 17.76 29.77 -4.21
N VAL C 55 16.53 29.73 -3.70
CA VAL C 55 16.21 30.40 -2.44
C VAL C 55 16.05 29.37 -1.33
N CYS C 56 16.83 29.53 -0.26
CA CYS C 56 16.81 28.59 0.84
C CYS C 56 16.64 29.29 2.18
N VAL C 57 16.33 28.52 3.20
CA VAL C 57 16.07 29.07 4.52
C VAL C 57 16.78 28.24 5.61
N ARG C 58 17.14 28.90 6.70
CA ARG C 58 17.92 28.26 7.76
C ARG C 58 17.33 28.60 9.12
N LYS C 59 16.62 27.64 9.72
CA LYS C 59 16.14 27.81 11.07
C LYS C 59 17.26 27.44 12.04
N ARG C 60 17.85 28.45 12.66
CA ARG C 60 18.89 28.22 13.67
C ARG C 60 18.23 27.63 14.91
N PRO C 61 18.86 26.63 15.51
CA PRO C 61 18.34 26.07 16.77
C PRO C 61 18.31 27.17 17.83
N LEU C 62 17.32 27.13 18.73
CA LEU C 62 17.27 28.05 19.86
C LEU C 62 18.56 27.88 20.65
N ASN C 63 19.24 28.99 20.93
CA ASN C 63 20.47 28.91 21.71
C ASN C 63 20.19 28.89 23.21
N LYS C 64 21.25 29.06 23.99
CA LYS C 64 21.19 28.86 25.44
C LYS C 64 20.54 30.01 26.21
N GLN C 65 20.88 31.24 25.84
CA GLN C 65 20.47 32.42 26.62
C GLN C 65 18.97 32.69 26.47
N GLU C 66 18.43 32.49 25.27
CA GLU C 66 17.00 32.74 25.04
C GLU C 66 16.08 31.75 25.77
N LEU C 67 16.47 30.48 25.71
CA LEU C 67 15.71 29.41 26.35
C LEU C 67 15.48 29.51 27.85
N ALA C 68 16.24 30.38 28.51
CA ALA C 68 16.08 30.67 29.92
C ALA C 68 15.13 31.84 30.16
N LYS C 69 14.54 32.35 29.08
CA LYS C 69 13.61 33.47 29.16
C LYS C 69 12.19 33.09 28.74
N LYS C 70 11.94 31.79 28.63
CA LYS C 70 10.64 31.25 28.21
C LYS C 70 10.35 31.53 26.73
N GLU C 71 11.41 31.67 25.95
CA GLU C 71 11.31 31.92 24.51
C GLU C 71 10.63 30.75 23.79
N ILE C 72 9.69 31.06 22.92
CA ILE C 72 8.91 30.03 22.23
C ILE C 72 9.27 29.87 20.75
N ASP C 73 9.70 28.67 20.36
CA ASP C 73 10.05 28.41 18.98
C ASP C 73 8.83 28.42 18.07
N VAL C 74 8.82 29.35 17.12
CA VAL C 74 7.63 29.60 16.31
C VAL C 74 7.79 29.26 14.82
N ILE C 75 8.74 28.38 14.50
CA ILE C 75 8.92 27.99 13.10
C ILE C 75 9.01 26.47 12.96
N SER C 76 8.08 25.90 12.20
CA SER C 76 8.08 24.47 11.91
C SER C 76 8.38 24.24 10.44
N ILE C 77 9.28 23.31 10.15
CA ILE C 77 9.62 22.97 8.77
C ILE C 77 9.26 21.51 8.52
N PRO C 78 8.00 21.28 8.10
CA PRO C 78 7.45 19.94 7.92
C PRO C 78 7.81 19.26 6.61
N SER C 79 8.62 19.91 5.79
CA SER C 79 8.97 19.35 4.50
C SER C 79 10.35 19.79 4.04
N LYS C 80 10.74 19.30 2.87
CA LYS C 80 12.04 19.60 2.25
C LYS C 80 12.08 21.08 1.80
N CYS C 81 10.89 21.63 1.56
CA CYS C 81 10.78 22.88 0.84
C CYS C 81 9.86 23.82 1.59
N LEU C 82 9.13 23.29 2.58
CA LEU C 82 8.07 24.07 3.20
C LEU C 82 8.35 24.62 4.60
N LEU C 83 8.30 25.95 4.73
CA LEU C 83 8.24 26.56 6.07
C LEU C 83 6.98 27.18 6.62
N LEU C 84 6.77 27.04 7.93
CA LEU C 84 5.60 27.58 8.59
C LEU C 84 6.05 28.56 9.67
N VAL C 85 5.28 29.64 9.82
CA VAL C 85 5.54 30.60 10.90
C VAL C 85 4.29 30.72 11.75
N HIS C 86 4.32 30.10 12.92
CA HIS C 86 3.18 30.14 13.83
C HIS C 86 3.06 31.53 14.44
N GLU C 87 2.67 32.49 13.61
CA GLU C 87 2.54 33.89 14.00
C GLU C 87 1.67 34.07 15.22
N PRO C 88 2.25 34.59 16.31
CA PRO C 88 1.43 34.99 17.45
C PRO C 88 0.65 36.24 17.11
N LYS C 89 -0.66 36.16 17.15
CA LYS C 89 -1.51 37.33 16.92
C LYS C 89 -2.39 37.58 18.12
N LEU C 90 -2.56 38.85 18.44
CA LEU C 90 -3.45 39.23 19.54
C LEU C 90 -4.71 39.87 18.99
N LYS C 91 -5.85 39.30 19.33
CA LYS C 91 -7.15 39.82 18.92
C LYS C 91 -7.35 41.16 19.62
N VAL C 92 -8.47 41.81 19.36
CA VAL C 92 -8.79 43.08 20.00
C VAL C 92 -9.32 42.89 21.43
N ASP C 93 -10.01 41.78 21.66
CA ASP C 93 -10.57 41.47 22.98
C ASP C 93 -9.47 41.11 23.96
N LEU C 94 -8.25 40.95 23.42
CA LEU C 94 -7.09 40.38 24.12
C LEU C 94 -7.12 38.85 24.15
N THR C 95 -7.98 38.25 23.34
CA THR C 95 -7.94 36.81 23.11
C THR C 95 -6.78 36.55 22.14
N LYS C 96 -6.13 35.40 22.27
CA LYS C 96 -4.90 35.16 21.53
C LYS C 96 -5.02 34.03 20.51
N TYR C 97 -4.40 34.22 19.35
CA TYR C 97 -4.47 33.22 18.29
C TYR C 97 -3.21 33.12 17.43
N LEU C 98 -3.21 32.17 16.50
CA LEU C 98 -2.07 31.96 15.62
C LEU C 98 -2.45 32.25 14.17
N GLU C 99 -1.63 33.04 13.47
CA GLU C 99 -1.81 33.12 12.02
C GLU C 99 -0.71 32.33 11.33
N ASN C 100 -0.89 31.02 11.25
CA ASN C 100 0.12 30.14 10.72
C ASN C 100 0.40 30.31 9.24
N GLN C 101 1.18 31.33 8.91
CA GLN C 101 1.51 31.64 7.52
C GLN C 101 2.52 30.66 6.96
N ALA C 102 2.28 30.17 5.75
CA ALA C 102 3.20 29.21 5.12
C ALA C 102 4.10 29.87 4.10
N PHE C 103 5.25 29.25 3.87
CA PHE C 103 6.19 29.74 2.86
C PHE C 103 6.88 28.55 2.21
N CYS C 104 7.12 28.64 0.92
CA CYS C 104 7.81 27.55 0.23
C CYS C 104 9.06 27.97 -0.53
N PHE C 105 10.16 27.28 -0.26
CA PHE C 105 11.43 27.55 -0.92
C PHE C 105 11.96 26.30 -1.58
N ASP C 106 13.12 26.38 -2.22
CA ASP C 106 13.73 25.19 -2.81
C ASP C 106 14.08 24.19 -1.72
N PHE C 107 14.97 24.59 -0.82
CA PHE C 107 15.32 23.75 0.32
C PHE C 107 15.08 24.49 1.64
N ALA C 108 14.44 23.80 2.58
CA ALA C 108 14.23 24.35 3.91
C ALA C 108 14.86 23.44 4.96
N PHE C 109 15.81 23.97 5.73
CA PHE C 109 16.50 23.18 6.73
C PHE C 109 15.98 23.50 8.13
N ASP C 110 15.59 22.47 8.87
CA ASP C 110 15.28 22.68 10.28
C ASP C 110 16.56 22.74 11.09
N GLU C 111 16.42 23.01 12.39
CA GLU C 111 17.55 23.21 13.29
C GLU C 111 18.63 22.12 13.23
N THR C 112 18.19 20.86 13.25
CA THR C 112 19.09 19.70 13.27
C THR C 112 20.15 19.73 12.17
N ALA C 113 19.76 20.22 11.00
CA ALA C 113 20.63 20.20 9.82
C ALA C 113 21.97 20.89 10.05
N SER C 114 23.04 20.10 10.02
CA SER C 114 24.39 20.63 10.15
C SER C 114 24.76 21.46 8.92
N ASN C 115 25.97 22.01 8.90
CA ASN C 115 26.43 22.79 7.76
C ASN C 115 26.83 21.86 6.62
N GLU C 116 27.00 20.58 6.94
CA GLU C 116 27.41 19.57 5.98
C GLU C 116 26.27 19.21 5.02
N VAL C 117 25.04 19.26 5.53
CA VAL C 117 23.87 18.94 4.72
C VAL C 117 23.45 20.16 3.89
N VAL C 118 23.55 21.33 4.48
CA VAL C 118 23.19 22.57 3.79
C VAL C 118 24.08 22.80 2.58
N TYR C 119 25.39 22.65 2.77
CA TYR C 119 26.35 22.83 1.69
C TYR C 119 26.11 21.82 0.57
N ARG C 120 25.76 20.59 0.96
CA ARG C 120 25.49 19.54 -0.01
C ARG C 120 24.44 19.98 -1.02
N PHE C 121 23.47 20.76 -0.55
CA PHE C 121 22.33 21.13 -1.37
C PHE C 121 22.34 22.58 -1.87
N THR C 122 23.47 23.27 -1.77
CA THR C 122 23.56 24.64 -2.31
C THR C 122 24.79 24.90 -3.16
N ALA C 123 25.94 25.03 -2.50
CA ALA C 123 27.17 25.42 -3.19
C ALA C 123 27.77 24.28 -4.01
N ARG C 124 27.58 23.05 -3.55
CA ARG C 124 28.19 21.90 -4.20
C ARG C 124 27.74 21.62 -5.65
N PRO C 125 26.45 21.86 -5.98
CA PRO C 125 26.14 21.84 -7.41
C PRO C 125 26.93 22.92 -8.14
N LEU C 126 26.98 24.10 -7.53
CA LEU C 126 27.65 25.24 -8.14
C LEU C 126 29.14 25.01 -8.39
N VAL C 127 29.74 24.08 -7.65
CA VAL C 127 31.17 23.78 -7.82
C VAL C 127 31.50 23.40 -9.26
N GLN C 128 30.62 22.65 -9.91
CA GLN C 128 30.79 22.29 -11.31
C GLN C 128 30.56 23.49 -12.22
N THR C 129 29.78 24.46 -11.74
CA THR C 129 29.45 25.65 -12.52
C THR C 129 30.64 26.60 -12.69
N ILE C 130 31.59 26.51 -11.77
CA ILE C 130 32.79 27.36 -11.84
C ILE C 130 33.85 26.71 -12.70
N PHE C 131 33.75 25.39 -12.85
CA PHE C 131 34.69 24.63 -13.65
C PHE C 131 34.25 24.53 -15.11
N GLU C 132 32.97 24.77 -15.36
CA GLU C 132 32.47 24.84 -16.72
C GLU C 132 32.72 26.22 -17.30
N GLY C 133 33.42 27.05 -16.54
CA GLY C 133 33.79 28.39 -16.96
C GLY C 133 32.74 29.43 -16.59
N GLY C 134 31.95 29.13 -15.57
CA GLY C 134 30.87 30.01 -15.18
C GLY C 134 31.11 30.72 -13.86
N LYS C 135 30.41 31.83 -13.68
CA LYS C 135 30.56 32.62 -12.47
C LYS C 135 29.36 32.43 -11.56
N ALA C 136 29.57 31.66 -10.50
CA ALA C 136 28.52 31.40 -9.54
C ALA C 136 28.68 32.30 -8.34
N THR C 137 27.59 32.53 -7.63
CA THR C 137 27.65 33.24 -6.36
C THR C 137 26.81 32.55 -5.31
N CYS C 138 26.89 33.06 -4.09
CA CYS C 138 26.16 32.50 -2.97
C CYS C 138 25.99 33.56 -1.88
N PHE C 139 24.75 33.78 -1.48
CA PHE C 139 24.45 34.82 -0.50
C PHE C 139 23.92 34.23 0.80
N ALA C 140 24.31 34.84 1.91
CA ALA C 140 23.78 34.47 3.21
C ALA C 140 23.02 35.65 3.77
N TYR C 141 21.74 35.73 3.44
CA TYR C 141 20.89 36.84 3.87
C TYR C 141 20.20 36.48 5.18
N GLY C 142 19.94 37.48 6.02
CA GLY C 142 19.26 37.26 7.28
C GLY C 142 19.51 38.35 8.30
N GLN C 143 18.63 38.43 9.30
CA GLN C 143 18.80 39.42 10.36
C GLN C 143 20.04 39.09 11.18
N THR C 144 20.55 40.09 11.91
CA THR C 144 21.73 39.89 12.73
C THR C 144 21.44 38.94 13.89
N GLY C 145 22.11 37.79 13.89
CA GLY C 145 21.92 36.78 14.92
C GLY C 145 21.43 35.47 14.35
N SER C 146 21.19 35.47 13.03
CA SER C 146 20.49 34.35 12.37
C SER C 146 21.34 33.11 12.08
N GLY C 147 22.62 33.28 11.83
CA GLY C 147 23.50 32.14 11.63
C GLY C 147 24.25 32.10 10.31
N LYS C 148 24.26 33.22 9.61
CA LYS C 148 24.95 33.29 8.32
C LYS C 148 26.46 33.33 8.47
N THR C 149 26.97 34.22 9.32
CA THR C 149 28.40 34.24 9.66
C THR C 149 28.80 32.89 10.22
N HIS C 150 27.87 32.27 10.94
CA HIS C 150 28.06 30.93 11.48
C HIS C 150 28.17 29.90 10.36
N THR C 151 27.53 30.19 9.24
CA THR C 151 27.43 29.23 8.12
C THR C 151 28.53 29.43 7.08
N MET C 152 28.75 30.67 6.66
CA MET C 152 29.80 30.98 5.70
C MET C 152 31.14 31.14 6.39
N GLY C 153 31.22 30.70 7.65
CA GLY C 153 32.44 30.81 8.43
C GLY C 153 32.76 29.56 9.22
N LYS C 165 35.02 22.98 8.03
CA LYS C 165 34.67 24.12 8.88
C LYS C 165 33.36 24.75 8.44
N GLY C 166 33.44 25.87 7.73
CA GLY C 166 32.27 26.56 7.22
C GLY C 166 32.02 26.22 5.76
N ILE C 167 31.09 26.93 5.14
CA ILE C 167 30.77 26.72 3.74
C ILE C 167 31.86 27.29 2.82
N TYR C 168 32.54 28.33 3.29
CA TYR C 168 33.75 28.84 2.64
C TYR C 168 34.70 27.67 2.39
N ALA C 169 35.13 27.05 3.49
CA ALA C 169 36.06 25.94 3.47
C ALA C 169 35.62 24.82 2.55
N MET C 170 34.43 24.30 2.80
CA MET C 170 33.90 23.15 2.08
C MET C 170 33.85 23.35 0.57
N ALA C 171 33.45 24.55 0.14
CA ALA C 171 33.39 24.89 -1.27
C ALA C 171 34.76 24.71 -1.93
N SER C 172 35.78 25.28 -1.29
CA SER C 172 37.16 25.14 -1.77
C SER C 172 37.65 23.69 -1.67
N ARG C 173 37.37 23.06 -0.53
CA ARG C 173 37.78 21.69 -0.26
C ARG C 173 37.43 20.74 -1.39
N ASP C 174 36.24 20.93 -1.96
CA ASP C 174 35.72 20.05 -3.00
C ASP C 174 36.20 20.46 -4.38
N VAL C 175 36.35 21.77 -4.58
CA VAL C 175 36.97 22.31 -5.78
C VAL C 175 38.30 21.61 -6.03
N PHE C 176 39.08 21.46 -4.97
CA PHE C 176 40.42 20.89 -5.07
C PHE C 176 40.42 19.41 -5.44
N LEU C 177 39.47 18.64 -4.90
CA LEU C 177 39.28 17.26 -5.34
C LEU C 177 39.00 17.31 -6.85
N LEU C 178 38.03 18.16 -7.23
CA LEU C 178 37.62 18.24 -8.63
C LEU C 178 38.73 18.71 -9.56
N LYS C 179 39.63 19.54 -9.05
CA LYS C 179 40.82 19.94 -9.79
C LYS C 179 41.64 18.70 -10.17
N ASN C 180 41.89 17.85 -9.19
CA ASN C 180 42.69 16.64 -9.39
C ASN C 180 41.98 15.53 -10.17
N GLN C 181 40.68 15.71 -10.41
CA GLN C 181 39.88 14.74 -11.16
C GLN C 181 40.51 14.50 -12.53
N PRO C 182 40.45 13.24 -13.01
CA PRO C 182 41.09 12.80 -14.25
C PRO C 182 40.79 13.69 -15.46
N CYS C 183 39.55 14.16 -15.58
CA CYS C 183 39.15 14.96 -16.73
C CYS C 183 39.66 16.40 -16.66
N TYR C 184 39.64 16.98 -15.46
CA TYR C 184 39.91 18.40 -15.28
C TYR C 184 41.37 18.67 -14.93
N ARG C 185 42.10 17.60 -14.63
CA ARG C 185 43.54 17.71 -14.37
C ARG C 185 44.27 18.14 -15.64
N LYS C 186 43.73 17.73 -16.78
CA LYS C 186 44.31 18.05 -18.08
C LYS C 186 44.33 19.55 -18.34
N LEU C 187 43.22 20.22 -18.05
CA LEU C 187 43.13 21.67 -18.17
C LEU C 187 44.19 22.29 -17.27
N GLY C 188 44.27 21.79 -16.04
CA GLY C 188 45.34 22.13 -15.12
C GLY C 188 45.57 23.50 -14.51
N LEU C 189 44.50 24.11 -14.01
CA LEU C 189 44.60 25.45 -13.44
C LEU C 189 45.15 25.72 -12.05
N GLU C 190 45.74 26.91 -11.89
CA GLU C 190 46.09 27.41 -10.57
C GLU C 190 44.81 27.91 -9.89
N VAL C 191 44.74 27.80 -8.57
CA VAL C 191 43.56 28.24 -7.84
C VAL C 191 43.85 29.44 -6.94
N TYR C 192 43.20 30.55 -7.25
CA TYR C 192 43.39 31.78 -6.48
C TYR C 192 42.24 31.98 -5.49
N VAL C 193 42.53 32.64 -4.38
CA VAL C 193 41.53 32.89 -3.34
C VAL C 193 41.54 34.34 -2.88
N THR C 194 40.38 34.98 -2.93
CA THR C 194 40.26 36.36 -2.46
C THR C 194 39.26 36.49 -1.32
N PHE C 195 39.44 37.52 -0.49
CA PHE C 195 38.63 37.74 0.69
C PHE C 195 38.69 39.23 0.98
N PHE C 196 37.53 39.86 1.19
CA PHE C 196 37.47 41.29 1.46
C PHE C 196 36.17 41.71 2.12
N GLU C 197 36.08 42.98 2.47
CA GLU C 197 34.96 43.50 3.25
C GLU C 197 34.51 44.88 2.78
N ILE C 198 33.20 45.09 2.71
CA ILE C 198 32.63 46.37 2.36
C ILE C 198 31.93 47.01 3.55
N TYR C 199 32.45 48.15 4.00
CA TYR C 199 31.91 48.81 5.18
C TYR C 199 31.62 50.29 4.90
N ASN C 200 30.36 50.67 5.06
CA ASN C 200 29.92 52.04 4.83
C ASN C 200 30.35 52.60 3.47
N GLY C 201 30.25 51.77 2.43
CA GLY C 201 30.65 52.17 1.10
C GLY C 201 32.16 52.19 0.93
N LYS C 202 32.87 51.56 1.86
CA LYS C 202 34.33 51.49 1.80
C LYS C 202 34.81 50.04 1.79
N LEU C 203 35.75 49.75 0.90
CA LEU C 203 36.29 48.40 0.79
C LEU C 203 37.54 48.24 1.64
N PHE C 204 37.64 47.11 2.33
CA PHE C 204 38.78 46.83 3.19
C PHE C 204 39.27 45.39 3.00
N ASP C 205 40.49 45.25 2.47
CA ASP C 205 41.07 43.94 2.24
C ASP C 205 41.32 43.21 3.55
N LEU C 206 40.56 42.13 3.78
CA LEU C 206 40.70 41.34 4.99
C LEU C 206 41.95 40.46 4.95
N LEU C 207 42.55 40.37 3.76
CA LEU C 207 43.75 39.56 3.58
C LEU C 207 45.02 40.40 3.70
N ASN C 208 44.84 41.71 3.82
CA ASN C 208 45.96 42.63 3.95
C ASN C 208 45.77 43.63 5.09
N LYS C 209 45.52 43.11 6.30
CA LYS C 209 45.39 43.94 7.50
C LYS C 209 44.43 45.11 7.32
N LYS C 210 43.26 44.82 6.76
CA LYS C 210 42.27 45.82 6.39
C LYS C 210 42.87 47.02 5.67
N ALA C 211 43.68 46.74 4.66
CA ALA C 211 44.21 47.78 3.78
C ALA C 211 43.06 48.36 2.96
N LYS C 212 43.02 49.68 2.89
CA LYS C 212 41.92 50.37 2.20
C LYS C 212 42.10 50.31 0.68
N LEU C 213 41.07 49.83 -0.02
CA LEU C 213 41.13 49.72 -1.47
C LEU C 213 39.98 50.46 -2.14
N ARG C 214 40.12 50.75 -3.43
CA ARG C 214 39.08 51.42 -4.20
C ARG C 214 38.78 50.69 -5.50
N VAL C 215 37.57 50.87 -6.03
CA VAL C 215 37.18 50.19 -7.25
C VAL C 215 36.99 51.14 -8.43
N LEU C 216 37.64 50.81 -9.55
CA LEU C 216 37.73 51.68 -10.71
C LEU C 216 36.97 51.13 -11.92
N GLU C 217 35.88 51.79 -12.29
CA GLU C 217 35.07 51.35 -13.43
C GLU C 217 35.85 51.49 -14.74
N ASP C 218 35.32 50.90 -15.79
CA ASP C 218 35.92 50.97 -17.12
C ASP C 218 34.84 51.11 -18.18
N GLY C 219 35.25 51.14 -19.45
CA GLY C 219 34.34 51.32 -20.56
C GLY C 219 33.22 50.28 -20.63
N GLN C 221 32.10 48.79 -17.91
CA GLN C 221 31.43 48.86 -16.62
C GLN C 221 31.51 47.56 -15.81
N GLN C 222 32.69 46.94 -15.81
CA GLN C 222 32.91 45.69 -15.07
C GLN C 222 33.48 45.97 -13.68
N VAL C 223 33.87 47.22 -13.45
CA VAL C 223 34.45 47.63 -12.17
C VAL C 223 35.58 46.93 -11.43
N GLN C 224 36.60 46.50 -12.18
CA GLN C 224 37.74 45.83 -11.59
C GLN C 224 38.46 46.36 -10.35
N VAL C 225 38.36 45.63 -9.25
CA VAL C 225 38.99 46.02 -8.00
C VAL C 225 40.47 46.31 -8.21
N VAL C 226 41.07 47.02 -7.25
CA VAL C 226 42.48 47.37 -7.32
C VAL C 226 43.20 47.01 -6.03
N GLY C 227 44.46 46.62 -6.15
CA GLY C 227 45.26 46.24 -4.99
C GLY C 227 44.70 45.07 -4.21
N LEU C 228 43.74 44.35 -4.80
CA LEU C 228 43.19 43.19 -4.13
C LEU C 228 44.19 42.05 -4.07
N GLN C 229 44.36 41.48 -2.87
CA GLN C 229 45.26 40.36 -2.68
C GLN C 229 44.62 39.07 -3.19
N GLU C 230 45.29 38.39 -4.10
CA GLU C 230 44.73 37.19 -4.74
C GLU C 230 45.61 35.96 -4.49
N HIS C 231 45.87 35.68 -3.22
CA HIS C 231 46.76 34.58 -2.85
C HIS C 231 46.41 33.26 -3.54
N LEU C 232 47.41 32.66 -4.19
CA LEU C 232 47.27 31.37 -4.84
C LEU C 232 47.20 30.28 -3.78
N VAL C 233 46.42 29.23 -4.04
CA VAL C 233 46.31 28.11 -3.11
C VAL C 233 46.48 26.76 -3.81
N ASN C 234 47.33 25.91 -3.24
CA ASN C 234 47.68 24.62 -3.86
C ASN C 234 46.93 23.44 -3.26
N SER C 235 46.78 23.44 -1.94
CA SER C 235 46.05 22.38 -1.25
C SER C 235 44.82 22.97 -0.56
N ALA C 236 43.93 22.09 -0.11
CA ALA C 236 42.73 22.52 0.58
C ALA C 236 43.07 23.15 1.94
N ASP C 237 44.22 22.78 2.49
CA ASP C 237 44.66 23.38 3.74
C ASP C 237 45.25 24.78 3.52
N ASP C 238 45.84 24.97 2.34
CA ASP C 238 46.40 26.26 1.98
C ASP C 238 45.34 27.35 2.03
N VAL C 239 44.13 27.04 1.57
CA VAL C 239 43.04 28.00 1.63
C VAL C 239 42.43 28.15 3.03
N ILE C 240 42.16 27.03 3.70
CA ILE C 240 41.51 27.08 5.02
C ILE C 240 42.35 27.82 6.07
N LYS C 241 43.64 28.00 5.81
CA LYS C 241 44.47 28.88 6.62
C LYS C 241 44.14 30.34 6.34
N MET C 242 43.78 30.64 5.11
CA MET C 242 43.56 32.01 4.66
C MET C 242 42.27 32.64 5.18
N ILE C 243 41.22 31.83 5.33
CA ILE C 243 39.94 32.33 5.79
C ILE C 243 40.01 32.80 7.24
N ASP C 244 40.74 32.06 8.06
CA ASP C 244 40.86 32.39 9.48
C ASP C 244 41.57 33.73 9.68
N MET C 245 42.39 34.11 8.70
CA MET C 245 43.05 35.40 8.73
C MET C 245 41.99 36.49 8.67
N GLY C 246 40.95 36.24 7.89
CA GLY C 246 39.84 37.18 7.77
C GLY C 246 39.11 37.45 9.07
N SER C 247 38.87 36.39 9.85
CA SER C 247 38.18 36.52 11.13
C SER C 247 39.04 37.26 12.15
N ALA C 248 40.35 37.29 11.90
CA ALA C 248 41.27 37.97 12.80
C ALA C 248 41.13 39.48 12.69
N CYS C 249 41.19 39.99 11.47
CA CYS C 249 41.07 41.42 11.23
C CYS C 249 39.63 41.90 11.38
N ARG C 250 38.69 41.01 11.10
CA ARG C 250 37.27 41.33 11.22
C ARG C 250 36.84 41.42 12.68
N ASN C 260 30.73 48.26 13.86
CA ASN C 260 30.15 46.99 14.31
C ASN C 260 30.55 45.89 13.33
N SER C 261 30.56 44.65 13.83
CA SER C 261 30.86 43.50 12.99
C SER C 261 29.63 43.04 12.20
N SER C 262 28.49 43.60 12.58
CA SER C 262 27.19 43.18 12.04
C SER C 262 26.83 44.04 10.82
N ARG C 263 27.43 45.22 10.70
CA ARG C 263 27.00 46.19 9.71
C ARG C 263 27.85 46.23 8.44
N SER C 264 28.42 45.09 8.05
CA SER C 264 29.22 45.04 6.83
C SER C 264 29.19 43.69 6.13
N HIS C 265 29.21 43.73 4.80
CA HIS C 265 29.27 42.50 4.01
C HIS C 265 30.70 42.01 3.95
N ALA C 266 30.86 40.70 3.82
CA ALA C 266 32.18 40.10 3.62
C ALA C 266 32.13 39.07 2.50
N CYS C 267 33.00 39.24 1.51
CA CYS C 267 33.05 38.31 0.39
C CYS C 267 34.20 37.33 0.41
N PHE C 268 34.01 36.19 -0.23
CA PHE C 268 35.06 35.19 -0.33
C PHE C 268 35.01 34.60 -1.72
N GLN C 269 36.03 34.87 -2.53
CA GLN C 269 36.03 34.40 -3.91
C GLN C 269 37.06 33.29 -4.16
N ILE C 270 36.58 32.17 -4.67
CA ILE C 270 37.46 31.16 -5.25
C ILE C 270 37.62 31.50 -6.72
N ILE C 271 38.78 32.01 -7.11
CA ILE C 271 39.01 32.38 -8.49
C ILE C 271 39.84 31.32 -9.21
N LEU C 272 39.31 30.82 -10.33
CA LEU C 272 39.97 29.77 -11.09
C LEU C 272 40.66 30.31 -12.34
N ARG C 273 41.95 30.04 -12.47
CA ARG C 273 42.75 30.50 -13.60
C ARG C 273 43.71 29.42 -14.09
N ALA C 274 43.70 29.16 -15.39
CA ALA C 274 44.56 28.12 -15.99
C ALA C 274 45.93 28.43 -16.58
N LYS C 275 45.96 29.28 -17.59
CA LYS C 275 47.20 29.75 -18.20
C LYS C 275 47.49 31.05 -17.43
N GLY C 276 46.43 31.62 -16.86
CA GLY C 276 46.52 32.87 -16.14
C GLY C 276 45.24 33.67 -16.35
N ARG C 277 44.47 33.25 -17.36
CA ARG C 277 43.17 33.85 -17.65
C ARG C 277 42.16 33.24 -16.70
N MET C 278 41.13 34.01 -16.32
CA MET C 278 40.16 33.49 -15.37
C MET C 278 38.99 32.75 -16.03
N HIS C 279 38.75 31.54 -15.55
CA HIS C 279 37.78 30.63 -16.13
C HIS C 279 36.40 30.87 -15.53
N GLY C 280 36.25 30.40 -14.29
CA GLY C 280 35.01 30.60 -13.57
C GLY C 280 35.27 31.23 -12.21
N LYS C 281 34.26 31.89 -11.67
CA LYS C 281 34.40 32.53 -10.37
C LYS C 281 33.36 32.00 -9.40
N PHE C 282 33.75 31.84 -8.15
CA PHE C 282 32.81 31.47 -7.09
C PHE C 282 32.89 32.52 -6.00
N SER C 283 31.81 33.26 -5.80
CA SER C 283 31.79 34.28 -4.77
C SER C 283 30.79 33.90 -3.68
N LEU C 284 31.27 33.83 -2.44
CA LEU C 284 30.40 33.55 -1.31
C LEU C 284 30.27 34.80 -0.47
N VAL C 285 29.04 35.28 -0.28
CA VAL C 285 28.85 36.51 0.46
C VAL C 285 28.19 36.29 1.81
N ASP C 286 28.73 36.97 2.81
CA ASP C 286 28.15 36.98 4.14
C ASP C 286 27.67 38.39 4.43
N LEU C 287 26.37 38.59 4.33
CA LEU C 287 25.79 39.93 4.28
C LEU C 287 25.68 40.63 5.63
N ALA C 288 25.27 41.89 5.59
CA ALA C 288 25.12 42.69 6.80
C ALA C 288 23.77 42.41 7.46
N GLY C 289 23.52 43.02 8.61
CA GLY C 289 22.26 42.83 9.30
C GLY C 289 21.12 43.54 8.59
N ASN C 290 20.19 42.76 8.04
CA ASN C 290 19.12 43.31 7.20
C ASN C 290 18.26 44.39 7.86
N GLU C 291 18.02 44.23 9.16
CA GLU C 291 17.15 45.14 9.89
C GLU C 291 17.67 46.58 9.91
N GLY C 307 24.84 54.43 8.10
CA GLY C 307 23.56 54.43 8.78
C GLY C 307 22.74 53.21 8.45
N ALA C 308 21.52 53.42 7.98
CA ALA C 308 20.67 52.34 7.52
C ALA C 308 20.90 52.13 6.02
N GLU C 309 21.99 52.70 5.52
CA GLU C 309 22.38 52.56 4.12
C GLU C 309 22.54 51.09 3.75
N ILE C 310 22.69 50.24 4.74
CA ILE C 310 22.70 48.80 4.50
C ILE C 310 21.40 48.34 3.84
N ASN C 311 20.30 49.02 4.17
CA ASN C 311 18.98 48.64 3.67
C ASN C 311 18.83 48.97 2.19
N LYS C 312 19.62 49.93 1.71
CA LYS C 312 19.58 50.27 0.29
C LYS C 312 20.09 49.12 -0.58
N SER C 313 21.33 48.68 -0.32
CA SER C 313 22.01 47.70 -1.17
C SER C 313 21.24 46.41 -1.32
N LEU C 314 20.57 46.00 -0.25
CA LEU C 314 19.77 44.79 -0.25
C LEU C 314 18.65 44.86 -1.27
N LEU C 315 18.06 46.05 -1.42
CA LEU C 315 17.06 46.27 -2.47
C LEU C 315 17.70 46.00 -3.83
N ALA C 316 18.89 46.56 -4.02
CA ALA C 316 19.63 46.44 -5.28
C ALA C 316 20.04 45.00 -5.58
N LEU C 317 20.56 44.32 -4.57
CA LEU C 317 20.91 42.90 -4.66
C LEU C 317 19.84 42.13 -5.38
N LYS C 318 18.68 42.08 -4.73
CA LYS C 318 17.48 41.46 -5.25
C LYS C 318 17.31 41.75 -6.74
N GLU C 319 17.25 43.03 -7.09
CA GLU C 319 17.08 43.46 -8.49
C GLU C 319 18.04 42.74 -9.42
N CYS C 320 19.24 42.48 -8.95
CA CYS C 320 20.27 41.83 -9.78
C CYS C 320 20.22 40.31 -9.68
N ILE C 321 19.49 39.79 -8.69
CA ILE C 321 19.23 38.36 -8.60
C ILE C 321 18.14 37.99 -9.60
N ARG C 322 17.08 38.78 -9.61
CA ARG C 322 15.98 38.55 -10.54
C ARG C 322 16.35 38.92 -11.96
N ALA C 323 17.20 39.95 -12.10
CA ALA C 323 17.76 40.30 -13.40
C ALA C 323 18.47 39.09 -13.97
N LEU C 324 19.08 38.32 -13.08
CA LEU C 324 19.71 37.07 -13.45
C LEU C 324 18.66 36.03 -13.84
N GLY C 325 17.59 35.97 -13.06
CA GLY C 325 16.55 34.97 -13.25
C GLY C 325 15.81 35.04 -14.57
N GLN C 326 15.54 36.26 -15.03
CA GLN C 326 14.77 36.45 -16.26
C GLN C 326 15.68 36.59 -17.48
N ASN C 327 16.89 36.06 -17.37
CA ASN C 327 17.87 36.04 -18.45
C ASN C 327 18.05 37.37 -19.18
N LYS C 328 18.57 38.36 -18.48
CA LYS C 328 18.92 39.63 -19.10
C LYS C 328 20.42 39.68 -19.32
N ALA C 329 20.83 40.20 -20.47
CA ALA C 329 22.25 40.27 -20.81
C ALA C 329 22.83 41.66 -20.54
N THR C 331 21.23 43.63 -17.62
CA THR C 331 20.97 43.67 -16.18
C THR C 331 21.24 45.06 -15.61
N PRO C 332 20.46 45.45 -14.59
CA PRO C 332 20.73 46.70 -13.87
C PRO C 332 22.06 46.58 -13.15
N PHE C 333 22.81 47.68 -13.05
CA PHE C 333 24.08 47.63 -12.36
C PHE C 333 24.01 48.33 -11.00
N ARG C 334 25.10 48.22 -10.25
CA ARG C 334 25.07 48.49 -8.82
C ARG C 334 24.69 49.92 -8.41
N GLU C 335 23.69 50.01 -7.55
CA GLU C 335 23.33 51.27 -6.92
C GLU C 335 24.30 51.50 -5.77
N SER C 336 24.88 50.41 -5.27
CA SER C 336 25.82 50.48 -4.14
C SER C 336 26.99 49.54 -4.34
N LYS C 337 28.02 49.74 -3.50
CA LYS C 337 29.30 49.03 -3.61
C LYS C 337 29.21 47.51 -3.82
N LEU C 338 28.46 46.83 -2.96
CA LEU C 338 28.42 45.37 -2.94
C LEU C 338 28.24 44.78 -4.34
N THR C 339 27.27 45.31 -5.07
CA THR C 339 26.93 44.80 -6.39
C THR C 339 28.08 44.77 -7.42
N GLN C 340 29.26 45.26 -7.04
CA GLN C 340 30.36 45.42 -8.00
C GLN C 340 31.39 44.42 -8.55
N VAL C 341 32.31 43.92 -7.73
CA VAL C 341 33.28 42.93 -8.22
C VAL C 341 32.38 41.80 -8.70
N LEU C 342 31.13 41.82 -8.23
CA LEU C 342 30.16 40.80 -8.61
C LEU C 342 29.57 41.08 -9.98
N ARG C 343 30.15 42.07 -10.68
CA ARG C 343 29.68 42.45 -12.00
C ARG C 343 29.50 41.22 -12.89
N ASP C 344 30.58 40.48 -13.10
CA ASP C 344 30.53 39.28 -13.92
C ASP C 344 29.95 38.09 -13.16
N SER C 345 28.78 38.31 -12.57
CA SER C 345 28.11 37.26 -11.80
C SER C 345 26.59 37.35 -11.95
N PHE C 346 26.13 38.39 -12.64
CA PHE C 346 24.70 38.60 -12.85
C PHE C 346 24.39 38.59 -14.34
N ILE C 347 25.45 38.47 -15.12
CA ILE C 347 25.33 38.38 -16.56
C ILE C 347 26.03 37.13 -17.04
N GLY C 348 25.56 36.61 -18.16
CA GLY C 348 26.09 35.38 -18.69
C GLY C 348 24.99 34.35 -18.72
N GLU C 349 25.20 33.30 -19.49
CA GLU C 349 24.20 32.26 -19.65
C GLU C 349 24.28 31.26 -18.51
N ASN C 350 25.48 31.07 -17.98
CA ASN C 350 25.71 30.06 -16.96
C ASN C 350 26.17 30.66 -15.65
N SER C 351 25.67 31.83 -15.32
CA SER C 351 25.89 32.36 -13.98
C SER C 351 24.73 31.94 -13.09
N ARG C 352 25.07 31.31 -11.97
CA ARG C 352 24.05 30.80 -11.06
C ARG C 352 24.19 31.43 -9.68
N THR C 353 23.06 31.72 -9.06
CA THR C 353 23.05 32.33 -7.73
C THR C 353 22.15 31.57 -6.78
N CYS C 354 22.69 31.24 -5.62
CA CYS C 354 21.91 30.63 -4.54
CA CYS C 354 21.89 30.64 -4.55
C CYS C 354 21.90 31.56 -3.33
N MET C 355 20.74 31.98 -2.90
CA MET C 355 20.72 32.83 -1.73
N ILE C 356 20.31 31.60 0.60
CA ILE C 356 20.28 31.12 1.97
C ILE C 356 19.81 32.25 2.89
N ALA C 357 18.50 32.37 3.04
CA ALA C 357 17.93 33.30 4.02
C ALA C 357 17.92 32.61 5.37
N THR C 358 18.64 33.16 6.33
CA THR C 358 18.76 32.55 7.64
C THR C 358 17.77 33.18 8.63
N ILE C 359 16.96 32.35 9.27
CA ILE C 359 16.04 32.85 10.28
C ILE C 359 16.39 32.37 11.68
N SER C 360 16.39 33.30 12.64
CA SER C 360 16.44 32.93 14.03
C SER C 360 15.02 32.51 14.37
N PRO C 361 14.85 31.67 15.41
CA PRO C 361 13.51 31.12 15.56
C PRO C 361 12.70 31.75 16.70
N GLY C 362 13.21 32.82 17.29
CA GLY C 362 12.56 33.44 18.44
C GLY C 362 11.17 33.99 18.22
N ILE C 363 10.30 33.81 19.21
CA ILE C 363 8.95 34.38 19.17
C ILE C 363 9.03 35.91 19.08
N SER C 364 10.09 36.46 19.66
CA SER C 364 10.32 37.90 19.63
C SER C 364 10.90 38.32 18.29
N SER C 365 11.62 37.39 17.66
CA SER C 365 12.11 37.58 16.31
C SER C 365 11.05 37.17 15.31
N CYS C 366 9.95 37.92 15.27
CA CYS C 366 8.83 37.59 14.41
C CYS C 366 8.72 38.59 13.25
N GLU C 367 8.88 39.86 13.58
CA GLU C 367 8.86 40.92 12.57
C GLU C 367 10.00 40.70 11.59
N TYR C 368 11.16 40.32 12.12
CA TYR C 368 12.39 40.20 11.35
C TYR C 368 12.49 38.85 10.63
N THR C 369 11.81 37.83 11.18
CA THR C 369 11.74 36.54 10.50
C THR C 369 10.97 36.76 9.20
N LEU C 370 9.75 37.28 9.35
CA LEU C 370 8.91 37.59 8.21
C LEU C 370 9.57 38.56 7.24
N ASN C 371 10.14 39.66 7.76
CA ASN C 371 10.90 40.58 6.94
C ASN C 371 11.97 39.86 6.12
N THR C 372 12.64 38.90 6.77
CA THR C 372 13.66 38.10 6.09
C THR C 372 13.00 37.08 5.18
N LEU C 373 11.76 36.70 5.49
CA LEU C 373 11.00 35.79 4.66
C LEU C 373 10.30 36.52 3.52
N ARG C 374 9.82 37.73 3.80
CA ARG C 374 9.15 38.55 2.80
C ARG C 374 10.14 39.22 1.87
N TYR C 375 11.41 38.93 2.09
CA TYR C 375 12.48 39.37 1.20
C TYR C 375 12.77 38.22 0.27
N ALA C 376 13.17 37.10 0.85
CA ALA C 376 13.53 35.90 0.09
C ALA C 376 12.40 35.21 -0.69
N ASP C 377 11.24 35.86 -0.66
CA ASP C 377 10.06 35.48 -1.42
C ASP C 377 9.71 36.63 -2.32
N ARG C 378 10.72 37.39 -2.72
CA ARG C 378 10.51 38.54 -3.59
C ARG C 378 11.50 38.54 -4.75
N VAL C 379 12.43 37.57 -4.73
CA VAL C 379 13.44 37.46 -5.78
C VAL C 379 13.17 36.25 -6.67
N LYS C 380 12.50 35.24 -6.11
CA LYS C 380 12.19 34.03 -6.85
C LYS C 380 11.63 34.36 -8.24
N GLU C 381 12.05 33.59 -9.22
CA GLU C 381 11.61 33.79 -10.61
C GLU C 381 10.81 32.59 -11.11
N ASN D 23 -8.10 37.46 -13.60
CA ASN D 23 -8.47 37.75 -12.22
C ASN D 23 -7.45 37.23 -11.19
N TRP D 24 -6.26 37.82 -11.14
CA TRP D 24 -5.66 38.64 -12.19
C TRP D 24 -4.41 37.95 -12.70
N GLU D 25 -3.31 38.23 -12.02
CA GLU D 25 -2.07 37.52 -12.20
C GLU D 25 -1.72 36.91 -10.86
N PHE D 26 -2.75 36.58 -10.09
CA PHE D 26 -2.59 35.83 -8.86
C PHE D 26 -2.03 34.46 -9.23
N ALA D 27 -2.68 33.84 -10.19
CA ALA D 27 -2.53 32.42 -10.42
C ALA D 27 -1.08 32.07 -10.63
N ARG D 28 -0.28 33.06 -11.00
CA ARG D 28 1.13 32.81 -11.17
C ARG D 28 1.74 32.56 -9.80
N MET D 29 1.27 33.30 -8.81
CA MET D 29 1.78 33.18 -7.45
C MET D 29 1.26 31.93 -6.77
N ILE D 30 0.01 31.59 -7.06
CA ILE D 30 -0.54 30.28 -6.73
C ILE D 30 0.20 29.16 -7.43
N LYS D 31 0.65 29.44 -8.66
CA LYS D 31 1.39 28.45 -9.45
C LYS D 31 2.88 28.42 -9.10
N GLU D 32 3.45 29.58 -8.82
CA GLU D 32 4.86 29.70 -8.45
C GLU D 32 5.14 28.97 -7.14
N PHE D 33 4.35 29.28 -6.12
CA PHE D 33 4.37 28.59 -4.84
C PHE D 33 4.26 27.08 -5.09
N ARG D 34 3.29 26.69 -5.90
CA ARG D 34 3.01 25.28 -6.18
C ARG D 34 4.01 24.65 -7.15
N ALA D 35 5.03 25.41 -7.55
CA ALA D 35 6.05 24.91 -8.46
C ALA D 35 7.23 24.32 -7.69
N THR D 36 7.74 25.08 -6.72
CA THR D 36 8.85 24.64 -5.86
C THR D 36 8.40 23.59 -4.86
N LEU D 37 7.20 23.76 -4.33
CA LEU D 37 6.66 22.86 -3.33
C LEU D 37 6.39 21.46 -3.89
N GLU D 38 7.23 20.50 -3.52
CA GLU D 38 6.99 19.10 -3.80
C GLU D 38 6.13 18.53 -2.70
N CYS D 39 4.93 18.07 -3.05
CA CYS D 39 3.95 17.68 -2.06
C CYS D 39 3.81 16.18 -1.92
N HIS D 40 3.13 15.76 -0.85
CA HIS D 40 2.91 14.34 -0.57
C HIS D 40 1.48 14.11 -0.12
N PRO D 41 0.48 14.30 -1.08
CA PRO D 41 -0.87 13.97 -0.60
C PRO D 41 -0.96 12.56 -0.03
N LEU D 42 -2.15 12.19 0.45
CA LEU D 42 -2.32 10.98 1.24
C LEU D 42 -2.58 9.69 0.47
N THR D 43 -1.78 8.65 0.73
CA THR D 43 -2.01 7.37 0.08
C THR D 43 -2.56 6.34 1.06
N MET D 44 -2.98 5.20 0.53
CA MET D 44 -3.53 4.12 1.37
C MET D 44 -2.49 3.29 2.14
N THR D 45 -1.21 3.52 1.87
CA THR D 45 -0.12 2.82 2.56
C THR D 45 -0.18 3.07 4.08
N ASP D 46 -0.81 4.18 4.43
CA ASP D 46 -0.98 4.65 5.80
C ASP D 46 -2.10 3.84 6.47
N PRO D 47 -2.02 3.65 7.81
CA PRO D 47 -3.15 2.97 8.45
C PRO D 47 -3.99 4.06 9.13
N ILE D 48 -4.91 3.60 9.96
CA ILE D 48 -5.76 4.46 10.76
C ILE D 48 -5.39 4.53 12.24
N GLU D 49 -5.43 5.74 12.80
CA GLU D 49 -5.11 5.94 14.21
C GLU D 49 -6.37 6.01 15.06
N GLU D 50 -6.24 5.66 16.34
CA GLU D 50 -7.39 5.68 17.23
C GLU D 50 -7.53 7.06 17.80
N HIS D 51 -8.61 7.74 17.45
CA HIS D 51 -8.82 9.11 17.85
C HIS D 51 -10.16 9.21 18.53
N ARG D 52 -10.28 10.05 19.56
CA ARG D 52 -11.63 10.29 20.06
C ARG D 52 -12.47 11.02 19.01
N ILE D 53 -11.91 12.07 18.44
CA ILE D 53 -12.61 12.86 17.43
C ILE D 53 -11.65 12.98 16.25
N CYS D 54 -12.03 12.50 15.07
CA CYS D 54 -11.17 12.70 13.90
C CYS D 54 -11.79 13.79 12.98
N VAL D 55 -11.47 15.02 13.38
CA VAL D 55 -11.82 16.21 12.64
C VAL D 55 -10.87 16.32 11.48
N CYS D 56 -11.30 15.88 10.30
CA CYS D 56 -10.49 16.04 9.11
C CYS D 56 -11.26 16.80 8.04
N VAL D 57 -10.56 17.32 7.04
CA VAL D 57 -11.20 18.11 5.99
C VAL D 57 -10.97 17.58 4.57
N ARG D 58 -11.93 17.86 3.66
CA ARG D 58 -11.86 17.36 2.30
C ARG D 58 -12.14 18.42 1.24
N LYS D 59 -11.20 18.59 0.32
CA LYS D 59 -11.34 19.55 -0.78
C LYS D 59 -11.83 18.84 -2.04
N ARG D 60 -12.73 19.50 -2.76
CA ARG D 60 -13.24 19.00 -4.03
C ARG D 60 -12.52 19.67 -5.18
N PRO D 61 -12.58 19.07 -6.37
CA PRO D 61 -12.09 19.84 -7.51
C PRO D 61 -13.08 20.96 -7.87
N LEU D 62 -12.70 21.81 -8.82
CA LEU D 62 -13.62 22.81 -9.37
C LEU D 62 -14.40 22.15 -10.50
N ASN D 63 -15.67 22.55 -10.64
CA ASN D 63 -16.52 22.05 -11.73
C ASN D 63 -16.68 23.06 -12.86
N LYS D 64 -17.16 22.59 -14.02
CA LYS D 64 -17.17 23.38 -15.26
C LYS D 64 -17.62 24.85 -15.18
N GLN D 65 -18.88 25.11 -14.85
CA GLN D 65 -19.36 26.49 -14.74
C GLN D 65 -18.51 27.32 -13.77
N GLU D 66 -18.20 26.72 -12.63
CA GLU D 66 -17.31 27.35 -11.65
C GLU D 66 -15.86 27.33 -12.13
N LEU D 67 -15.53 26.40 -13.02
CA LEU D 67 -14.21 26.36 -13.66
C LEU D 67 -14.17 27.30 -14.86
N ALA D 68 -15.22 27.25 -15.68
CA ALA D 68 -15.29 28.06 -16.90
C ALA D 68 -15.18 29.55 -16.62
N LYS D 69 -15.59 29.96 -15.43
CA LYS D 69 -15.58 31.37 -15.04
C LYS D 69 -14.17 31.85 -14.67
N LYS D 70 -13.15 31.12 -15.11
CA LYS D 70 -11.76 31.50 -14.94
C LYS D 70 -11.35 31.68 -13.48
N GLU D 71 -12.14 31.12 -12.57
CA GLU D 71 -11.73 31.12 -11.19
C GLU D 71 -10.79 29.94 -10.98
N ILE D 72 -9.74 30.15 -10.18
CA ILE D 72 -8.71 29.13 -10.02
C ILE D 72 -8.84 28.41 -8.67
N ASP D 73 -7.77 27.73 -8.24
CA ASP D 73 -7.78 26.94 -7.01
C ASP D 73 -6.81 27.54 -6.00
N VAL D 74 -7.33 28.04 -4.89
CA VAL D 74 -6.51 28.60 -3.81
C VAL D 74 -6.08 27.57 -2.77
N ILE D 75 -6.45 26.32 -2.97
CA ILE D 75 -6.24 25.32 -1.93
C ILE D 75 -5.23 24.24 -2.35
N SER D 76 -4.06 24.28 -1.71
CA SER D 76 -3.09 23.20 -1.85
C SER D 76 -3.17 22.34 -0.61
N ILE D 77 -3.07 21.03 -0.81
CA ILE D 77 -2.99 20.08 0.29
C ILE D 77 -1.71 19.27 0.08
N PRO D 78 -0.60 19.73 0.67
CA PRO D 78 0.75 19.21 0.44
C PRO D 78 1.07 17.96 1.27
N SER D 79 0.22 17.63 2.24
CA SER D 79 0.38 16.41 3.02
C SER D 79 -0.95 15.95 3.61
N LYS D 80 -0.94 14.78 4.24
CA LYS D 80 -2.16 14.16 4.75
C LYS D 80 -2.77 14.94 5.91
N CYS D 81 -2.00 15.86 6.50
CA CYS D 81 -2.44 16.55 7.70
C CYS D 81 -2.77 18.01 7.43
N LEU D 82 -1.96 18.62 6.56
CA LEU D 82 -1.89 20.07 6.42
C LEU D 82 -2.61 20.60 5.19
N LEU D 83 -3.42 21.63 5.38
CA LEU D 83 -4.09 22.28 4.26
C LEU D 83 -3.64 23.72 4.12
N LEU D 84 -3.36 24.13 2.89
CA LEU D 84 -2.89 25.48 2.62
C LEU D 84 -3.93 26.32 1.88
N VAL D 85 -4.34 27.41 2.52
CA VAL D 85 -5.27 28.37 1.92
C VAL D 85 -4.50 29.56 1.36
N HIS D 86 -4.37 29.61 0.04
CA HIS D 86 -3.70 30.73 -0.60
C HIS D 86 -4.60 31.96 -0.65
N GLU D 87 -4.99 32.46 0.53
CA GLU D 87 -5.81 33.66 0.62
C GLU D 87 -5.12 34.83 -0.05
N PRO D 88 -5.79 35.47 -1.01
CA PRO D 88 -5.27 36.67 -1.65
C PRO D 88 -5.61 37.92 -0.82
N LYS D 89 -4.58 38.65 -0.40
CA LYS D 89 -4.79 39.86 0.39
C LYS D 89 -4.29 41.09 -0.34
N LEU D 90 -4.82 42.25 0.02
CA LEU D 90 -4.50 43.50 -0.68
C LEU D 90 -3.44 44.31 0.06
N LYS D 91 -2.24 44.36 -0.53
CA LYS D 91 -1.13 45.11 0.06
C LYS D 91 -1.37 46.62 -0.02
N VAL D 92 -0.88 47.33 0.98
CA VAL D 92 -1.08 48.78 1.15
C VAL D 92 -0.99 49.58 -0.15
N LEU D 94 -1.64 49.40 -4.26
CA LEU D 94 -0.55 48.57 -4.78
C LEU D 94 -1.11 47.25 -5.31
N THR D 95 -0.27 46.49 -6.01
CA THR D 95 -0.62 45.13 -6.40
C THR D 95 -0.81 44.29 -5.15
N LYS D 96 -1.08 43.01 -5.34
CA LYS D 96 -1.32 42.15 -4.19
C LYS D 96 -0.24 41.09 -4.00
N TYR D 97 0.01 40.77 -2.74
CA TYR D 97 0.81 39.61 -2.35
C TYR D 97 -0.16 38.47 -2.06
N LEU D 98 0.35 37.42 -1.42
CA LEU D 98 -0.46 36.26 -1.09
C LEU D 98 -0.27 35.83 0.36
N GLU D 99 -1.37 35.73 1.09
CA GLU D 99 -1.33 35.32 2.49
C GLU D 99 -1.64 33.83 2.64
N ASN D 100 -0.60 33.01 2.58
CA ASN D 100 -0.75 31.56 2.69
C ASN D 100 -0.98 31.10 4.14
N GLN D 101 -2.23 30.86 4.49
CA GLN D 101 -2.58 30.41 5.83
C GLN D 101 -2.51 28.89 5.92
N ALA D 102 -1.79 28.39 6.92
CA ALA D 102 -1.64 26.95 7.11
C ALA D 102 -2.54 26.41 8.20
N PHE D 103 -3.07 25.21 7.99
CA PHE D 103 -3.97 24.59 8.95
C PHE D 103 -3.54 23.16 9.27
N CYS D 104 -4.13 22.56 10.29
CA CYS D 104 -3.75 21.21 10.69
C CYS D 104 -4.93 20.37 11.10
N PHE D 105 -4.98 19.16 10.56
CA PHE D 105 -6.08 18.24 10.81
C PHE D 105 -5.60 16.79 10.77
N ASP D 106 -6.47 15.89 11.21
CA ASP D 106 -6.16 14.47 11.25
C ASP D 106 -6.02 13.90 9.84
N PHE D 107 -6.87 14.33 8.91
CA PHE D 107 -6.75 13.96 7.51
C PHE D 107 -7.16 15.09 6.57
N ALA D 108 -6.21 15.65 5.83
CA ALA D 108 -6.59 16.60 4.80
C ALA D 108 -6.82 15.85 3.49
N PHE D 109 -8.06 15.80 3.04
CA PHE D 109 -8.39 15.06 1.83
C PHE D 109 -8.36 15.92 0.56
N ASP D 110 -7.54 15.49 -0.39
CA ASP D 110 -7.39 16.18 -1.67
C ASP D 110 -8.52 15.88 -2.65
N GLU D 111 -8.44 16.51 -3.82
CA GLU D 111 -9.42 16.32 -4.89
C GLU D 111 -9.35 14.92 -5.47
N THR D 112 -8.21 14.26 -5.27
CA THR D 112 -7.99 12.91 -5.77
C THR D 112 -8.80 11.89 -4.98
N ALA D 113 -8.49 11.78 -3.69
CA ALA D 113 -9.19 10.83 -2.82
C ALA D 113 -10.70 10.91 -3.03
N SER D 114 -11.31 9.77 -3.34
CA SER D 114 -12.75 9.71 -3.55
C SER D 114 -13.43 9.22 -2.28
N ASN D 115 -14.68 8.79 -2.41
CA ASN D 115 -15.45 8.28 -1.27
C ASN D 115 -14.86 7.07 -0.57
N GLU D 116 -14.65 6.00 -1.33
CA GLU D 116 -14.08 4.76 -0.79
C GLU D 116 -12.71 4.96 -0.14
N VAL D 117 -12.00 5.98 -0.58
CA VAL D 117 -10.73 6.36 0.03
C VAL D 117 -10.95 7.20 1.29
N VAL D 118 -11.80 8.22 1.22
CA VAL D 118 -12.04 9.07 2.39
C VAL D 118 -12.73 8.30 3.51
N TYR D 119 -13.64 7.41 3.12
CA TYR D 119 -14.41 6.60 4.07
C TYR D 119 -13.51 5.73 4.93
N ARG D 120 -12.42 5.26 4.35
CA ARG D 120 -11.47 4.37 5.02
C ARG D 120 -10.86 5.00 6.27
N PHE D 121 -10.76 6.33 6.28
CA PHE D 121 -10.07 7.05 7.35
C PHE D 121 -11.05 7.83 8.21
N THR D 122 -12.33 7.48 8.09
CA THR D 122 -13.39 8.23 8.74
C THR D 122 -14.40 7.28 9.36
N ALA D 123 -15.22 6.67 8.51
CA ALA D 123 -16.38 5.90 8.95
C ALA D 123 -16.13 4.41 9.23
N ARG D 124 -15.10 3.82 8.62
CA ARG D 124 -14.81 2.42 8.93
C ARG D 124 -13.63 2.16 9.88
N PRO D 125 -13.21 3.19 10.62
CA PRO D 125 -12.79 2.74 11.96
C PRO D 125 -14.02 2.84 12.86
N LEU D 126 -14.98 3.69 12.44
CA LEU D 126 -16.19 4.02 13.22
C LEU D 126 -17.16 2.85 13.32
N VAL D 127 -16.99 1.80 12.51
CA VAL D 127 -17.93 0.66 12.51
C VAL D 127 -17.53 -0.41 13.54
N GLN D 128 -16.27 -0.40 13.92
CA GLN D 128 -15.74 -1.27 14.98
C GLN D 128 -16.54 -1.10 16.27
N THR D 129 -16.72 0.17 16.67
CA THR D 129 -17.32 0.52 17.95
C THR D 129 -18.83 0.31 18.00
N ILE D 130 -19.47 0.13 16.84
CA ILE D 130 -20.92 0.06 16.84
C ILE D 130 -21.44 -1.24 17.44
N PHE D 131 -20.63 -2.30 17.32
CA PHE D 131 -21.01 -3.61 17.86
C PHE D 131 -20.50 -3.82 19.29
N GLU D 132 -19.74 -2.86 19.80
CA GLU D 132 -19.19 -2.95 21.15
C GLU D 132 -20.04 -2.13 22.13
N GLY D 133 -21.30 -1.92 21.78
CA GLY D 133 -22.18 -1.10 22.58
C GLY D 133 -21.74 0.35 22.53
N GLY D 134 -21.13 0.73 21.41
CA GLY D 134 -20.65 2.08 21.24
C GLY D 134 -21.61 2.95 20.45
N LYS D 135 -21.84 4.15 20.95
CA LYS D 135 -22.69 5.13 20.27
C LYS D 135 -21.78 6.16 19.60
N ALA D 136 -21.65 6.06 18.28
CA ALA D 136 -20.70 6.88 17.53
C ALA D 136 -21.39 7.60 16.37
N THR D 137 -20.73 8.63 15.83
CA THR D 137 -21.36 9.43 14.78
C THR D 137 -20.40 10.17 13.85
N CYS D 138 -20.88 10.45 12.63
CA CYS D 138 -20.10 11.14 11.61
C CYS D 138 -20.87 12.36 11.13
N PHE D 139 -20.15 13.45 10.86
CA PHE D 139 -20.77 14.68 10.39
C PHE D 139 -20.17 15.15 9.07
N ALA D 140 -21.01 15.65 8.18
CA ALA D 140 -20.53 16.35 6.98
C ALA D 140 -20.91 17.82 7.10
N TYR D 141 -19.92 18.64 7.47
CA TYR D 141 -20.17 20.05 7.73
C TYR D 141 -19.43 20.95 6.76
N GLY D 142 -20.07 22.03 6.33
CA GLY D 142 -19.38 22.99 5.48
C GLY D 142 -20.23 23.94 4.68
N GLN D 143 -19.55 24.76 3.88
CA GLN D 143 -20.18 25.70 2.97
C GLN D 143 -21.18 25.00 2.06
N THR D 144 -22.33 25.63 1.85
CA THR D 144 -23.37 25.10 0.98
C THR D 144 -22.81 24.75 -0.40
N GLY D 145 -22.92 23.49 -0.78
CA GLY D 145 -22.44 23.04 -2.08
C GLY D 145 -20.98 22.67 -2.09
N SER D 146 -20.52 22.01 -1.04
CA SER D 146 -19.12 21.59 -0.93
C SER D 146 -18.97 20.09 -1.19
N GLY D 147 -20.07 19.37 -1.06
CA GLY D 147 -20.06 17.93 -1.28
C GLY D 147 -20.59 17.17 -0.08
N LYS D 148 -21.35 17.85 0.77
CA LYS D 148 -21.92 17.23 1.97
C LYS D 148 -22.83 16.06 1.59
N THR D 149 -23.94 16.37 0.93
CA THR D 149 -24.88 15.34 0.52
C THR D 149 -24.27 14.39 -0.50
N HIS D 150 -23.06 14.73 -0.96
CA HIS D 150 -22.36 13.91 -1.93
C HIS D 150 -21.55 12.84 -1.26
N THR D 151 -20.86 13.22 -0.19
CA THR D 151 -20.02 12.29 0.55
C THR D 151 -20.86 11.43 1.49
N MET D 152 -22.18 11.53 1.36
CA MET D 152 -23.10 10.77 2.20
C MET D 152 -24.07 9.96 1.35
N GLY D 153 -24.59 10.58 0.29
CA GLY D 153 -25.53 9.93 -0.60
C GLY D 153 -25.26 10.22 -2.06
N LYS D 165 -21.81 5.49 -4.27
CA LYS D 165 -22.55 6.59 -3.66
C LYS D 165 -21.79 7.19 -2.47
N GLY D 166 -22.45 7.19 -1.31
CA GLY D 166 -21.90 7.81 -0.11
C GLY D 166 -21.90 6.95 1.14
N ILE D 167 -21.32 7.50 2.20
CA ILE D 167 -20.96 6.73 3.40
C ILE D 167 -22.10 6.20 4.27
N TYR D 168 -23.35 6.53 3.95
CA TYR D 168 -24.46 5.82 4.57
C TYR D 168 -24.36 4.40 4.06
N ALA D 169 -24.32 4.28 2.74
CA ALA D 169 -24.31 3.01 2.04
C ALA D 169 -22.97 2.28 2.16
N MET D 170 -21.88 3.04 2.19
CA MET D 170 -20.55 2.45 2.29
C MET D 170 -20.34 1.86 3.67
N ALA D 171 -21.01 2.46 4.67
CA ALA D 171 -20.91 1.99 6.05
C ALA D 171 -21.66 0.68 6.25
N SER D 172 -22.78 0.54 5.54
CA SER D 172 -23.59 -0.67 5.64
C SER D 172 -22.88 -1.86 5.01
N ARG D 173 -22.14 -1.60 3.94
CA ARG D 173 -21.42 -2.66 3.24
C ARG D 173 -20.63 -3.52 4.22
N ASP D 174 -20.05 -2.89 5.23
CA ASP D 174 -19.27 -3.59 6.24
C ASP D 174 -20.16 -4.06 7.39
N VAL D 175 -21.12 -3.22 7.77
CA VAL D 175 -22.04 -3.56 8.85
C VAL D 175 -22.63 -4.95 8.68
N PHE D 176 -23.00 -5.27 7.44
CA PHE D 176 -23.57 -6.57 7.13
C PHE D 176 -22.48 -7.59 6.80
N LEU D 177 -21.29 -7.10 6.47
CA LEU D 177 -20.18 -7.99 6.15
C LEU D 177 -19.38 -8.41 7.37
N LEU D 178 -19.67 -7.79 8.51
CA LEU D 178 -19.09 -8.20 9.80
C LEU D 178 -20.07 -9.16 10.49
N LYS D 179 -21.25 -9.30 9.90
CA LYS D 179 -22.27 -10.21 10.42
C LYS D 179 -21.67 -11.60 10.56
N ASN D 180 -21.25 -12.18 9.44
CA ASN D 180 -20.80 -13.57 9.39
C ASN D 180 -19.58 -13.85 10.26
N GLN D 181 -18.77 -12.81 10.51
CA GLN D 181 -17.64 -12.93 11.42
C GLN D 181 -18.13 -13.48 12.76
N PRO D 182 -17.40 -14.48 13.29
CA PRO D 182 -17.80 -15.35 14.40
C PRO D 182 -18.37 -14.62 15.62
N CYS D 183 -17.52 -13.84 16.28
CA CYS D 183 -17.80 -13.19 17.57
C CYS D 183 -19.25 -12.78 17.85
N TYR D 184 -19.90 -12.17 16.86
CA TYR D 184 -21.16 -11.47 17.11
C TYR D 184 -22.44 -12.30 16.97
N ARG D 185 -22.40 -13.31 16.10
CA ARG D 185 -23.58 -14.12 15.80
C ARG D 185 -24.30 -14.70 17.02
N LYS D 186 -23.59 -14.77 18.14
CA LYS D 186 -24.14 -15.30 19.38
C LYS D 186 -25.16 -14.35 19.97
N LEU D 187 -24.97 -13.05 19.73
CA LEU D 187 -25.88 -12.04 20.24
C LEU D 187 -27.17 -11.97 19.42
N GLY D 188 -27.08 -12.43 18.17
CA GLY D 188 -28.22 -12.42 17.28
C GLY D 188 -29.06 -11.17 17.17
N LEU D 189 -28.41 -10.06 16.81
CA LEU D 189 -29.09 -8.78 16.68
C LEU D 189 -29.59 -8.43 15.28
N GLU D 190 -30.69 -7.70 15.22
CA GLU D 190 -31.28 -7.31 13.95
C GLU D 190 -30.94 -5.86 13.60
N VAL D 191 -30.40 -5.65 12.40
CA VAL D 191 -29.99 -4.32 11.97
C VAL D 191 -31.20 -3.44 11.64
N TYR D 192 -31.24 -2.26 12.24
CA TYR D 192 -32.31 -1.31 11.99
C TYR D 192 -31.73 0.00 11.45
N VAL D 193 -32.56 0.78 10.77
CA VAL D 193 -32.13 2.05 10.20
C VAL D 193 -33.25 3.07 10.12
N THR D 194 -32.93 4.31 10.47
CA THR D 194 -33.88 5.41 10.40
C THR D 194 -33.24 6.63 9.79
N PHE D 195 -34.06 7.41 9.12
CA PHE D 195 -33.67 8.65 8.47
C PHE D 195 -34.63 9.79 8.82
N PHE D 196 -34.09 10.89 9.31
CA PHE D 196 -34.90 12.05 9.69
C PHE D 196 -34.26 13.42 9.43
N GLU D 197 -35.07 14.35 8.92
CA GLU D 197 -34.59 15.70 8.61
C GLU D 197 -35.02 16.72 9.66
N ILE D 198 -34.12 17.65 9.99
CA ILE D 198 -34.39 18.66 11.01
C ILE D 198 -34.52 20.06 10.40
N TYR D 199 -35.61 20.74 10.75
CA TYR D 199 -35.86 22.09 10.23
C TYR D 199 -36.52 23.00 11.28
N ASN D 200 -35.72 23.86 11.89
CA ASN D 200 -36.19 24.86 12.85
C ASN D 200 -37.05 24.33 13.99
N GLY D 201 -36.41 23.69 14.97
CA GLY D 201 -37.09 23.28 16.18
C GLY D 201 -38.11 22.17 16.03
N LYS D 202 -38.19 21.59 14.83
CA LYS D 202 -39.11 20.50 14.58
C LYS D 202 -38.39 19.34 13.90
N LEU D 203 -38.85 18.12 14.18
CA LEU D 203 -38.24 16.93 13.60
C LEU D 203 -39.19 16.27 12.60
N PHE D 204 -38.61 15.73 11.53
CA PHE D 204 -39.40 15.22 10.42
C PHE D 204 -38.89 13.85 10.02
N ASP D 205 -39.60 13.17 9.13
CA ASP D 205 -39.19 11.80 8.83
C ASP D 205 -39.15 11.48 7.34
N LEU D 206 -38.83 10.23 7.06
CA LEU D 206 -38.90 9.66 5.73
C LEU D 206 -39.68 8.38 5.97
N LEU D 207 -40.47 8.40 7.06
CA LEU D 207 -41.25 7.24 7.47
C LEU D 207 -42.21 6.82 6.35
N ASN D 208 -43.21 7.65 6.08
CA ASN D 208 -44.15 7.42 4.99
C ASN D 208 -44.11 8.61 4.05
N LYS D 209 -42.91 9.16 3.87
CA LYS D 209 -42.70 10.39 3.12
C LYS D 209 -43.41 11.59 3.75
N LYS D 210 -43.87 11.44 4.98
CA LYS D 210 -44.40 12.58 5.72
C LYS D 210 -43.40 13.00 6.77
N ALA D 211 -43.76 14.04 7.52
CA ALA D 211 -42.82 14.74 8.38
C ALA D 211 -43.59 15.39 9.52
N LYS D 212 -43.50 14.79 10.71
CA LYS D 212 -44.28 15.26 11.86
C LYS D 212 -43.59 14.44 12.95
N LEU D 213 -43.17 15.10 14.03
CA LEU D 213 -42.54 14.39 15.14
C LEU D 213 -42.28 15.39 16.28
N ARG D 214 -42.52 14.94 17.51
CA ARG D 214 -42.23 15.74 18.70
C ARG D 214 -41.14 15.04 19.52
N VAL D 215 -40.51 15.78 20.41
CA VAL D 215 -39.45 15.22 21.26
C VAL D 215 -39.34 15.94 22.61
N GLN D 224 -35.52 7.13 22.93
CA GLN D 224 -35.13 8.43 22.38
C GLN D 224 -36.32 9.25 21.89
N VAL D 225 -36.97 8.78 20.82
CA VAL D 225 -37.97 9.56 20.12
C VAL D 225 -39.33 8.90 19.81
N VAL D 226 -40.40 9.69 19.75
CA VAL D 226 -41.76 9.19 19.53
C VAL D 226 -42.09 9.24 18.04
N GLY D 227 -42.74 8.20 17.53
CA GLY D 227 -43.30 8.23 16.18
C GLY D 227 -42.40 7.88 15.00
N LEU D 228 -41.11 7.84 15.24
CA LEU D 228 -40.18 7.46 14.17
C LEU D 228 -40.17 5.95 14.03
N GLN D 229 -39.97 5.51 12.79
CA GLN D 229 -39.89 4.11 12.46
C GLN D 229 -38.51 3.86 11.85
N GLU D 230 -37.81 2.88 12.40
CA GLU D 230 -36.58 2.37 11.80
C GLU D 230 -36.99 1.36 10.73
N HIS D 231 -36.04 0.78 10.00
CA HIS D 231 -36.49 -0.19 8.96
C HIS D 231 -35.56 -1.40 8.82
N LEU D 232 -36.14 -2.60 8.92
CA LEU D 232 -35.37 -3.80 9.14
C LEU D 232 -34.69 -4.30 7.88
N VAL D 233 -33.37 -4.23 7.88
CA VAL D 233 -32.59 -4.57 6.70
C VAL D 233 -31.55 -5.63 7.04
N ASN D 234 -31.36 -6.57 6.13
CA ASN D 234 -30.34 -7.59 6.34
C ASN D 234 -29.47 -7.82 5.11
N SER D 235 -29.74 -7.05 4.06
CA SER D 235 -28.95 -7.11 2.82
C SER D 235 -28.31 -5.75 2.53
N ALA D 236 -27.10 -5.77 1.99
CA ALA D 236 -26.36 -4.54 1.71
C ALA D 236 -27.08 -3.66 0.71
N ASP D 237 -27.58 -4.27 -0.37
CA ASP D 237 -28.35 -3.56 -1.37
C ASP D 237 -29.73 -3.16 -0.84
N ASP D 238 -30.15 -3.79 0.26
CA ASP D 238 -31.44 -3.46 0.85
C ASP D 238 -31.48 -2.04 1.40
N VAL D 239 -30.39 -1.63 2.04
CA VAL D 239 -30.30 -0.30 2.65
C VAL D 239 -30.37 0.84 1.63
N ILE D 240 -29.70 0.69 0.49
CA ILE D 240 -29.69 1.75 -0.52
C ILE D 240 -31.10 2.15 -0.96
N LYS D 241 -31.99 1.16 -1.10
CA LYS D 241 -33.38 1.42 -1.44
C LYS D 241 -34.07 2.28 -0.38
N MET D 242 -33.58 2.22 0.85
CA MET D 242 -34.08 3.08 1.92
C MET D 242 -33.48 4.48 1.76
N ILE D 243 -32.19 4.54 1.43
CA ILE D 243 -31.53 5.80 1.14
C ILE D 243 -32.09 6.36 -0.16
N ASP D 244 -32.37 5.46 -1.09
CA ASP D 244 -33.01 5.81 -2.36
C ASP D 244 -34.32 6.55 -2.08
N MET D 245 -35.02 6.12 -1.04
CA MET D 245 -36.21 6.83 -0.58
C MET D 245 -35.84 8.17 0.03
N GLY D 246 -34.66 8.23 0.63
CA GLY D 246 -34.20 9.40 1.37
C GLY D 246 -34.24 10.72 0.62
N SER D 247 -33.31 10.88 -0.32
CA SER D 247 -33.15 12.13 -1.05
C SER D 247 -34.37 12.52 -1.88
N ALA D 248 -35.30 11.58 -2.05
CA ALA D 248 -36.46 11.78 -2.90
C ALA D 248 -37.40 12.89 -2.40
N CYS D 249 -37.96 12.70 -1.22
CA CYS D 249 -38.96 13.61 -0.67
C CYS D 249 -38.51 15.07 -0.65
N ARG D 250 -37.58 15.36 0.28
CA ARG D 250 -36.95 16.66 0.53
C ARG D 250 -36.75 16.81 2.03
N ASN D 260 -35.88 24.46 2.53
CA ASN D 260 -36.36 23.08 2.53
C ASN D 260 -35.73 22.23 1.43
N SER D 261 -34.45 22.48 1.17
CA SER D 261 -33.68 21.68 0.21
C SER D 261 -32.31 21.40 0.78
N SER D 262 -31.46 22.41 0.75
CA SER D 262 -30.15 22.34 1.39
C SER D 262 -30.11 23.30 2.58
N ARG D 263 -31.20 23.31 3.33
CA ARG D 263 -31.30 24.13 4.53
C ARG D 263 -31.70 23.22 5.69
N SER D 264 -31.50 21.92 5.50
CA SER D 264 -31.92 20.93 6.47
C SER D 264 -30.78 19.99 6.88
N HIS D 265 -30.76 19.63 8.15
CA HIS D 265 -29.88 18.58 8.63
C HIS D 265 -30.51 17.23 8.28
N ALA D 266 -29.74 16.35 7.64
CA ALA D 266 -30.25 15.05 7.25
C ALA D 266 -29.54 13.95 8.04
N CYS D 267 -30.23 13.39 9.04
CA CYS D 267 -29.61 12.39 9.91
C CYS D 267 -29.96 10.96 9.51
N PHE D 268 -28.94 10.18 9.24
CA PHE D 268 -29.08 8.75 8.96
C PHE D 268 -28.46 7.99 10.12
N GLN D 269 -29.01 6.84 10.45
CA GLN D 269 -28.49 6.08 11.58
C GLN D 269 -28.66 4.56 11.39
N ILE D 270 -27.70 3.80 11.94
CA ILE D 270 -27.71 2.36 11.86
C ILE D 270 -27.72 1.81 13.27
N ILE D 271 -28.48 0.73 13.50
CA ILE D 271 -28.88 0.33 14.84
C ILE D 271 -28.54 -1.12 15.10
N LEU D 272 -28.19 -1.46 16.33
CA LEU D 272 -28.02 -2.88 16.70
C LEU D 272 -29.03 -3.30 17.76
N ARG D 273 -30.01 -4.08 17.35
CA ARG D 273 -30.94 -4.68 18.30
C ARG D 273 -30.50 -6.10 18.57
N ALA D 274 -30.21 -6.41 19.83
CA ALA D 274 -29.88 -7.76 20.23
C ALA D 274 -30.86 -8.94 20.29
N LYS D 275 -31.87 -8.82 21.15
CA LYS D 275 -32.90 -9.84 21.24
C LYS D 275 -34.07 -9.00 21.77
N GLY D 276 -33.96 -7.68 21.63
CA GLY D 276 -35.02 -6.77 22.03
C GLY D 276 -34.57 -5.37 22.37
N ARG D 277 -33.31 -5.21 22.72
CA ARG D 277 -32.80 -3.92 23.20
C ARG D 277 -31.62 -3.38 22.40
N MET D 278 -31.52 -2.05 22.34
CA MET D 278 -30.46 -1.36 21.61
C MET D 278 -29.07 -1.70 22.16
N HIS D 279 -28.11 -1.88 21.25
CA HIS D 279 -26.72 -2.04 21.64
C HIS D 279 -25.91 -0.82 21.20
N GLY D 280 -25.89 -0.56 19.91
CA GLY D 280 -25.19 0.59 19.36
C GLY D 280 -25.93 1.26 18.22
N LYS D 281 -25.75 2.57 18.09
CA LYS D 281 -26.33 3.30 16.96
C LYS D 281 -25.32 4.24 16.30
N PHE D 282 -25.24 4.16 14.98
CA PHE D 282 -24.30 4.97 14.21
C PHE D 282 -25.03 6.10 13.50
N SER D 283 -25.26 7.21 14.20
CA SER D 283 -25.96 8.34 13.60
C SER D 283 -25.08 9.07 12.60
N LEU D 284 -25.64 9.40 11.45
CA LEU D 284 -24.90 10.03 10.37
C LEU D 284 -25.55 11.32 9.88
N VAL D 285 -24.85 12.43 10.06
CA VAL D 285 -25.35 13.69 9.53
C VAL D 285 -24.94 14.51 8.35
N ASP D 286 -25.90 14.87 7.51
CA ASP D 286 -25.70 15.85 6.45
C ASP D 286 -26.19 17.23 6.87
N LEU D 287 -25.25 18.11 7.20
CA LEU D 287 -25.56 19.40 7.81
C LEU D 287 -26.11 20.43 6.83
N ALA D 288 -26.64 21.51 7.38
CA ALA D 288 -27.18 22.60 6.58
C ALA D 288 -26.07 23.58 6.21
N GLY D 289 -26.04 23.98 4.94
CA GLY D 289 -25.03 24.88 4.44
C GLY D 289 -24.71 26.00 5.41
N ASN D 290 -23.48 26.00 5.92
CA ASN D 290 -23.04 27.02 6.87
C ASN D 290 -23.33 28.43 6.36
N GLU D 291 -24.28 29.10 7.00
CA GLU D 291 -24.65 30.46 6.63
C GLU D 291 -24.14 31.48 7.64
N ALA D 299 -29.47 39.67 7.16
CA ALA D 299 -30.35 40.02 6.06
C ALA D 299 -31.55 40.87 6.46
N ASP D 300 -32.56 40.88 5.59
CA ASP D 300 -33.69 41.79 5.75
C ASP D 300 -35.01 41.04 5.75
N ARG D 301 -34.98 39.80 5.26
CA ARG D 301 -36.19 39.10 4.82
C ARG D 301 -37.00 38.34 5.87
N GLN D 302 -37.06 38.85 7.10
CA GLN D 302 -37.60 38.07 8.23
C GLN D 302 -36.67 36.90 7.95
N THR D 303 -37.25 35.71 7.80
CA THR D 303 -36.54 34.59 7.20
C THR D 303 -35.81 34.85 5.88
N ARG D 304 -34.49 34.76 5.88
CA ARG D 304 -33.75 34.00 6.88
C ARG D 304 -33.20 34.72 8.12
N MET D 305 -33.96 34.60 9.20
CA MET D 305 -33.40 34.38 10.52
C MET D 305 -33.79 32.92 10.69
N GLU D 306 -33.52 32.16 9.63
CA GLU D 306 -33.97 30.78 9.46
C GLU D 306 -33.08 29.66 10.03
N GLY D 307 -31.76 29.69 9.82
CA GLY D 307 -31.01 30.76 9.15
C GLY D 307 -30.06 31.38 10.15
N ALA D 308 -30.53 31.47 11.39
CA ALA D 308 -29.69 31.88 12.51
C ALA D 308 -29.93 30.90 13.65
N GLU D 309 -30.96 30.06 13.48
CA GLU D 309 -31.14 28.90 14.32
C GLU D 309 -30.10 27.89 13.89
N ILE D 310 -29.80 27.92 12.60
CA ILE D 310 -28.73 27.11 12.01
C ILE D 310 -27.40 27.36 12.72
N ASN D 311 -27.11 28.63 12.97
CA ASN D 311 -25.87 29.02 13.65
C ASN D 311 -26.00 28.91 15.17
N LYS D 312 -27.12 28.38 15.63
CA LYS D 312 -27.27 28.02 17.03
C LYS D 312 -27.04 26.51 17.13
N SER D 313 -27.66 25.77 16.22
CA SER D 313 -27.46 24.32 16.14
C SER D 313 -26.00 23.98 15.88
N LEU D 314 -25.38 24.74 14.99
CA LEU D 314 -23.98 24.52 14.63
C LEU D 314 -23.00 24.98 15.70
N LEU D 315 -23.48 25.71 16.69
CA LEU D 315 -22.63 26.13 17.79
C LEU D 315 -23.03 25.49 19.11
N ALA D 316 -24.00 24.59 19.05
CA ALA D 316 -24.33 23.73 20.18
C ALA D 316 -23.69 22.37 19.93
N LEU D 317 -23.68 21.99 18.66
CA LEU D 317 -23.02 20.77 18.21
C LEU D 317 -21.55 20.79 18.60
N LYS D 318 -20.89 21.90 18.30
CA LYS D 318 -19.49 22.08 18.62
C LYS D 318 -19.28 22.02 20.14
N GLU D 319 -20.18 22.66 20.87
CA GLU D 319 -20.12 22.68 22.33
C GLU D 319 -20.08 21.27 22.90
N CYS D 320 -20.95 20.40 22.39
CA CYS D 320 -21.05 19.03 22.88
C CYS D 320 -19.78 18.22 22.65
N ILE D 321 -19.15 18.42 21.50
CA ILE D 321 -17.95 17.69 21.14
C ILE D 321 -16.85 18.18 22.10
N ARG D 322 -16.98 19.42 22.58
CA ARG D 322 -16.09 19.89 23.64
C ARG D 322 -16.11 18.94 24.86
N ALA D 323 -17.30 18.80 25.42
CA ALA D 323 -17.51 17.88 26.54
C ALA D 323 -17.13 16.42 26.34
N LEU D 324 -17.45 15.87 25.17
CA LEU D 324 -17.13 14.49 24.86
C LEU D 324 -15.63 14.27 24.76
N GLY D 325 -14.93 15.23 24.17
CA GLY D 325 -13.49 15.14 24.01
C GLY D 325 -12.78 14.88 25.33
N GLN D 326 -13.44 15.23 26.43
CA GLN D 326 -12.86 15.04 27.75
C GLN D 326 -13.78 14.19 28.63
N LYS D 328 -16.52 14.62 30.77
CA LYS D 328 -17.63 15.42 31.27
C LYS D 328 -18.95 14.65 31.18
N ALA D 329 -19.73 14.72 32.25
CA ALA D 329 -21.02 14.03 32.30
C ALA D 329 -22.04 14.71 31.39
N HIS D 330 -22.21 16.01 31.57
CA HIS D 330 -23.15 16.78 30.77
C HIS D 330 -22.68 16.90 29.32
N THR D 331 -23.62 17.12 28.41
CA THR D 331 -23.30 17.24 26.99
C THR D 331 -22.47 18.52 26.72
N PRO D 332 -23.05 19.80 26.92
CA PRO D 332 -24.45 19.81 27.41
C PRO D 332 -25.43 20.11 26.28
N PHE D 333 -26.50 19.31 26.20
CA PHE D 333 -27.51 19.49 25.17
C PHE D 333 -28.52 20.56 25.56
N ARG D 334 -28.14 21.82 25.39
CA ARG D 334 -29.02 22.94 25.72
C ARG D 334 -29.94 23.34 24.58
N GLU D 335 -29.37 23.60 23.42
CA GLU D 335 -30.05 24.42 22.44
C GLU D 335 -29.97 24.01 20.98
N SER D 336 -30.67 22.96 20.57
CA SER D 336 -30.81 22.56 19.16
C SER D 336 -31.80 21.42 19.12
N LYS D 337 -32.21 20.97 17.95
CA LYS D 337 -33.18 19.87 17.83
C LYS D 337 -32.29 18.70 17.43
N LEU D 338 -31.14 19.00 16.84
CA LEU D 338 -30.16 17.96 16.49
C LEU D 338 -29.47 17.36 17.72
N THR D 339 -28.86 18.21 18.53
CA THR D 339 -28.10 17.74 19.69
C THR D 339 -28.98 17.12 20.77
N GLN D 340 -30.26 17.49 20.77
CA GLN D 340 -31.20 16.91 21.73
C GLN D 340 -31.54 15.47 21.34
N VAL D 341 -31.54 15.19 20.03
CA VAL D 341 -31.83 13.85 19.54
C VAL D 341 -30.61 12.94 19.65
N LEU D 342 -29.44 13.47 19.31
CA LEU D 342 -28.19 12.72 19.43
C LEU D 342 -27.58 12.89 20.81
N ARG D 343 -28.44 13.15 21.79
CA ARG D 343 -28.06 13.37 23.18
C ARG D 343 -26.98 12.39 23.66
N ASP D 344 -27.31 11.10 23.62
CA ASP D 344 -26.43 10.05 24.10
C ASP D 344 -25.13 9.95 23.33
N SER D 345 -25.19 10.14 22.01
CA SER D 345 -24.00 9.99 21.17
C SER D 345 -22.87 10.95 21.53
N PHE D 346 -23.08 11.75 22.57
CA PHE D 346 -22.05 12.61 23.13
C PHE D 346 -21.71 12.22 24.58
N ILE D 347 -22.30 11.14 25.07
CA ILE D 347 -22.06 10.70 26.45
C ILE D 347 -21.29 9.39 26.56
N GLY D 348 -20.58 9.23 27.67
CA GLY D 348 -19.88 7.99 27.97
C GLY D 348 -18.41 8.02 27.63
N GLU D 349 -17.76 6.87 27.79
CA GLU D 349 -16.34 6.74 27.45
C GLU D 349 -16.19 5.90 26.19
N ASN D 350 -17.32 5.58 25.57
CA ASN D 350 -17.34 4.79 24.35
C ASN D 350 -18.12 5.51 23.24
N SER D 351 -18.32 6.81 23.41
CA SER D 351 -18.91 7.62 22.35
C SER D 351 -17.80 8.29 21.53
N ARG D 352 -17.86 8.06 20.23
CA ARG D 352 -16.70 8.18 19.37
C ARG D 352 -17.09 8.90 18.09
N THR D 353 -16.22 9.74 17.55
CA THR D 353 -16.66 10.45 16.35
C THR D 353 -15.67 10.86 15.26
N CYS D 354 -16.26 11.22 14.15
CA CYS D 354 -15.57 11.62 12.94
C CYS D 354 -16.20 12.87 12.39
N MET D 355 -15.61 14.02 12.67
CA MET D 355 -16.10 15.22 11.98
C MET D 355 -15.51 15.90 10.72
N ILE D 356 -16.13 15.60 9.57
CA ILE D 356 -15.53 15.78 8.25
C ILE D 356 -16.00 17.05 7.54
N ALA D 357 -15.13 18.05 7.53
CA ALA D 357 -15.45 19.33 6.91
C ALA D 357 -15.15 19.31 5.42
N THR D 358 -16.00 19.98 4.65
CA THR D 358 -15.87 20.02 3.20
C THR D 358 -15.79 21.47 2.71
N ILE D 359 -14.70 21.79 2.01
CA ILE D 359 -14.46 23.16 1.55
C ILE D 359 -14.28 23.23 0.04
N SER D 360 -14.85 24.26 -0.58
CA SER D 360 -14.76 24.44 -2.03
C SER D 360 -13.63 25.39 -2.41
N PRO D 361 -12.94 25.09 -3.52
CA PRO D 361 -11.73 25.79 -4.00
C PRO D 361 -11.95 27.24 -4.42
N GLY D 362 -13.20 27.69 -4.49
CA GLY D 362 -13.51 29.02 -5.00
C GLY D 362 -12.74 30.16 -4.36
N ILE D 363 -12.09 30.97 -5.18
CA ILE D 363 -11.37 32.14 -4.68
C ILE D 363 -12.40 33.15 -4.18
N SER D 364 -13.59 33.12 -4.76
CA SER D 364 -14.70 33.94 -4.28
C SER D 364 -15.38 33.23 -3.11
N SER D 365 -15.18 31.92 -3.04
CA SER D 365 -15.69 31.12 -1.93
C SER D 365 -14.65 30.98 -0.82
N CYS D 366 -13.56 31.73 -0.97
CA CYS D 366 -12.45 31.68 -0.02
C CYS D 366 -12.86 32.11 1.38
N GLU D 367 -13.51 33.27 1.48
CA GLU D 367 -13.94 33.81 2.78
C GLU D 367 -14.89 32.87 3.53
N TYR D 368 -15.56 31.99 2.78
CA TYR D 368 -16.40 30.93 3.34
C TYR D 368 -15.54 29.78 3.84
N THR D 369 -14.68 29.31 2.95
CA THR D 369 -13.75 28.21 3.21
C THR D 369 -12.97 28.51 4.48
N LEU D 370 -12.54 29.75 4.63
CA LEU D 370 -11.79 30.16 5.80
C LEU D 370 -12.61 30.07 7.09
N ASN D 371 -13.89 30.42 7.02
CA ASN D 371 -14.77 30.24 8.17
C ASN D 371 -15.05 28.76 8.39
N THR D 372 -15.22 28.04 7.29
CA THR D 372 -15.45 26.60 7.33
C THR D 372 -14.24 25.89 7.93
N LEU D 373 -13.07 26.48 7.77
CA LEU D 373 -11.84 25.91 8.30
C LEU D 373 -11.51 26.43 9.69
N ARG D 374 -12.04 27.61 10.03
CA ARG D 374 -11.80 28.19 11.34
C ARG D 374 -12.60 27.45 12.43
N TYR D 375 -13.76 26.96 12.03
CA TYR D 375 -14.67 26.25 12.93
C TYR D 375 -14.15 24.85 13.21
N ALA D 376 -13.62 24.21 12.17
CA ALA D 376 -13.12 22.84 12.28
C ALA D 376 -11.88 22.74 13.16
N ASP D 377 -11.37 23.89 13.62
CA ASP D 377 -10.22 23.90 14.52
C ASP D 377 -10.65 24.02 15.98
N ARG D 378 -11.91 24.35 16.19
CA ARG D 378 -12.45 24.47 17.54
C ARG D 378 -13.10 23.15 17.94
N VAL D 379 -12.98 22.18 17.04
CA VAL D 379 -13.47 20.84 17.27
C VAL D 379 -12.26 19.94 17.50
N LYS D 380 -11.08 20.55 17.51
CA LYS D 380 -9.82 19.82 17.59
C LYS D 380 -9.08 20.08 18.90
N GLU D 381 -9.79 20.48 19.94
CA GLU D 381 -9.16 20.72 21.24
C GLU D 381 -10.04 20.28 22.40
N LEU E 2 -1.24 -14.51 -21.74
CA LEU E 2 -2.37 -13.81 -22.33
C LEU E 2 -3.53 -13.29 -21.44
N GLU E 3 -4.03 -13.99 -20.40
CA GLU E 3 -3.64 -15.29 -19.84
C GLU E 3 -4.76 -15.54 -18.81
N GLU E 4 -4.94 -16.75 -18.25
CA GLU E 4 -4.22 -17.99 -18.50
C GLU E 4 -5.28 -19.09 -18.56
N GLN E 5 -4.98 -20.21 -19.21
CA GLN E 5 -6.03 -21.11 -19.73
C GLN E 5 -6.24 -22.47 -19.07
N ALA E 6 -7.50 -22.80 -18.75
CA ALA E 6 -7.87 -24.09 -18.20
C ALA E 6 -7.98 -25.17 -19.29
N SER E 7 -7.07 -26.14 -19.26
CA SER E 7 -7.01 -27.15 -20.32
C SER E 7 -6.79 -28.64 -20.06
N ARG E 8 -5.59 -28.96 -19.54
CA ARG E 8 -5.10 -30.33 -19.41
C ARG E 8 -6.01 -31.16 -18.49
#